data_7EQF
#
_entry.id   7EQF
#
_cell.length_a   166.469
_cell.length_b   53.556
_cell.length_c   109.978
_cell.angle_alpha   90.000
_cell.angle_beta   95.200
_cell.angle_gamma   90.000
#
_symmetry.space_group_name_H-M   'C 1 2 1'
#
loop_
_entity.id
_entity.type
_entity.pdbx_description
1 polymer 'TetR/AcrR family transcriptional regulator'
2 non-polymer (6~{R})-3-methyl-8-[(2~{S},4~{R},5~{S},6~{R})-6-methyl-5-[(2~{S},4~{R},5~{R},6~{R})-6-methyl-4-[(2~{S},5~{S},6~{S})-6-methyl-5-[(2~{S},4~{R},5~{S},6~{R})-6-methyl-5-[(2~{S},4~{S},5~{S},6~{R})-6-methyl-4-[(2~{S},5~{S},6~{S})-6-methyl-5-oxidanyl-oxan-2-yl]oxy-5-oxidanyl-oxan-2-yl]oxy-4-oxidanyl-oxan-2-yl]oxy-oxan-2-yl]oxy-5-oxidanyl-oxan-2-yl]oxy-4-oxidanyl-oxan-2-yl]oxy-1,6,11-tris(oxidanyl)-5,6-dihydrobenzo[a]anthracene-7,12-dione
#
_entity_poly.entity_id   1
_entity_poly.type   'polypeptide(L)'
_entity_poly.pdbx_seq_one_letter_code
;(MSE)GHHHHHH(MSE)GGTPHVRGANTRDKIQSVALELFIERGYEKTS(MSE)REIAEGLGITKAALYYHFKAKEEILV
AISQGLGGPVDELVAWARTQPRTLETKREVLRRYSEAL(MSE)GAAPLFRI(MSE)QESGAALRTLGIGQTLNDRIAAIG
EL(MSE)YQDGASVRSQVRISDALASVHFGAFFLSAIEGDPEEKRKALLESALETLDSSAEEDL
;
_entity_poly.pdbx_strand_id   A,B,C,D
#
# COMPACT_ATOMS: atom_id res chain seq x y z
N PRO A 13 -46.57 -5.72 27.59
CA PRO A 13 -45.52 -4.79 27.16
C PRO A 13 -45.71 -3.39 27.73
N HIS A 14 -44.79 -2.96 28.58
CA HIS A 14 -44.82 -1.65 29.20
C HIS A 14 -43.80 -0.74 28.53
N VAL A 15 -44.09 0.56 28.53
CA VAL A 15 -43.16 1.53 27.96
C VAL A 15 -41.91 1.66 28.81
N ARG A 16 -41.95 1.19 30.06
CA ARG A 16 -40.80 1.23 30.95
C ARG A 16 -40.29 -0.17 31.29
N GLY A 17 -40.62 -1.16 30.47
CA GLY A 17 -40.22 -2.53 30.70
C GLY A 17 -38.92 -2.90 30.01
N ALA A 18 -38.69 -4.20 29.88
CA ALA A 18 -37.48 -4.71 29.28
C ALA A 18 -37.60 -4.93 27.78
N ASN A 19 -38.81 -5.21 27.27
CA ASN A 19 -38.98 -5.40 25.84
C ASN A 19 -38.77 -4.10 25.08
N THR A 20 -39.24 -2.97 25.64
CA THR A 20 -39.02 -1.68 25.00
C THR A 20 -37.56 -1.26 25.12
N ARG A 21 -36.86 -1.72 26.17
CA ARG A 21 -35.43 -1.44 26.28
C ARG A 21 -34.65 -2.18 25.20
N ASP A 22 -34.95 -3.46 24.98
CA ASP A 22 -34.30 -4.22 23.92
C ASP A 22 -34.67 -3.69 22.55
N LYS A 23 -35.89 -3.17 22.39
CA LYS A 23 -36.30 -2.59 21.12
C LYS A 23 -35.52 -1.31 20.82
N ILE A 24 -35.17 -0.55 21.85
CA ILE A 24 -34.36 0.65 21.65
C ILE A 24 -32.97 0.28 21.16
N GLN A 25 -32.37 -0.77 21.73
CA GLN A 25 -31.03 -1.17 21.32
C GLN A 25 -31.00 -1.69 19.89
N SER A 26 -32.07 -2.34 19.44
CA SER A 26 -32.09 -2.91 18.10
C SER A 26 -32.10 -1.81 17.04
N VAL A 27 -33.01 -0.84 17.18
CA VAL A 27 -33.10 0.22 16.18
C VAL A 27 -31.89 1.14 16.25
N ALA A 28 -31.36 1.39 17.46
CA ALA A 28 -30.17 2.21 17.59
C ALA A 28 -28.97 1.53 16.95
N LEU A 29 -28.88 0.20 17.07
CA LEU A 29 -27.81 -0.53 16.40
C LEU A 29 -27.91 -0.39 14.89
N GLU A 30 -29.11 -0.51 14.34
CA GLU A 30 -29.30 -0.29 12.91
C GLU A 30 -28.94 1.13 12.51
N LEU A 31 -29.32 2.11 13.35
CA LEU A 31 -28.97 3.49 13.07
C LEU A 31 -27.47 3.73 13.17
N PHE A 32 -26.78 2.97 14.03
CA PHE A 32 -25.33 3.13 14.16
C PHE A 32 -24.61 2.53 12.97
N ILE A 33 -25.11 1.42 12.43
CA ILE A 33 -24.42 0.74 11.34
C ILE A 33 -24.60 1.51 10.03
N GLU A 34 -25.83 1.89 9.72
CA GLU A 34 -26.12 2.49 8.41
C GLU A 34 -25.60 3.92 8.32
N ARG A 35 -25.90 4.74 9.33
CA ARG A 35 -25.58 6.16 9.27
C ARG A 35 -24.36 6.56 10.09
N GLY A 36 -23.86 5.68 10.94
CA GLY A 36 -22.70 6.00 11.74
C GLY A 36 -23.06 6.31 13.18
N TYR A 37 -22.10 6.09 14.08
CA TYR A 37 -22.36 6.30 15.50
C TYR A 37 -22.41 7.80 15.83
N GLU A 38 -21.43 8.56 15.34
CA GLU A 38 -21.38 9.98 15.65
C GLU A 38 -22.48 10.76 14.95
N LYS A 39 -22.96 10.27 13.81
CA LYS A 39 -24.00 10.94 13.06
C LYS A 39 -25.41 10.59 13.52
N THR A 40 -25.55 9.58 14.39
CA THR A 40 -26.84 9.21 14.94
C THR A 40 -27.11 10.02 16.20
N SER A 41 -28.26 10.68 16.24
CA SER A 41 -28.66 11.48 17.38
C SER A 41 -29.74 10.76 18.18
N ARG A 43 -32.48 12.01 19.10
CA ARG A 43 -33.77 12.32 18.50
C ARG A 43 -34.12 11.35 17.39
N GLU A 44 -33.15 11.00 16.55
CA GLU A 44 -33.40 10.04 15.47
C GLU A 44 -33.76 8.66 16.02
N ILE A 45 -33.13 8.29 17.14
CA ILE A 45 -33.44 7.00 17.76
C ILE A 45 -34.87 7.01 18.30
N ALA A 46 -35.28 8.11 18.95
CA ALA A 46 -36.63 8.20 19.47
C ALA A 46 -37.66 8.19 18.34
N GLU A 47 -37.33 8.81 17.21
CA GLU A 47 -38.23 8.78 16.06
C GLU A 47 -38.33 7.39 15.45
N GLY A 48 -37.28 6.57 15.61
CA GLY A 48 -37.35 5.21 15.11
C GLY A 48 -38.36 4.36 15.84
N LEU A 49 -38.41 4.48 17.17
CA LEU A 49 -39.43 3.76 17.93
C LEU A 49 -40.80 4.39 17.76
N GLY A 50 -40.86 5.67 17.46
CA GLY A 50 -42.12 6.40 17.46
C GLY A 50 -42.53 6.95 18.81
N ILE A 51 -41.64 6.92 19.80
CA ILE A 51 -41.93 7.43 21.13
C ILE A 51 -41.26 8.79 21.30
N THR A 52 -41.43 9.38 22.47
CA THR A 52 -40.81 10.67 22.79
C THR A 52 -39.40 10.45 23.36
N LYS A 53 -38.62 11.53 23.34
CA LYS A 53 -37.28 11.47 23.92
C LYS A 53 -37.35 11.22 25.42
N ALA A 54 -38.44 11.66 26.07
CA ALA A 54 -38.63 11.38 27.48
C ALA A 54 -38.74 9.88 27.73
N ALA A 55 -39.41 9.16 26.82
CA ALA A 55 -39.51 7.71 26.96
C ALA A 55 -38.18 7.04 26.66
N LEU A 56 -37.39 7.60 25.73
CA LEU A 56 -36.07 7.07 25.46
C LEU A 56 -35.14 7.29 26.65
N TYR A 57 -35.14 8.50 27.21
CA TYR A 57 -34.24 8.84 28.30
C TYR A 57 -34.51 8.01 29.55
N TYR A 58 -35.72 7.49 29.72
CA TYR A 58 -36.02 6.67 30.89
C TYR A 58 -35.13 5.44 30.95
N HIS A 59 -34.87 4.82 29.80
CA HIS A 59 -34.03 3.63 29.75
C HIS A 59 -32.55 3.99 29.60
N PHE A 60 -32.22 4.96 28.77
CA PHE A 60 -30.85 5.34 28.51
C PHE A 60 -30.72 6.85 28.51
N LYS A 61 -29.93 7.38 29.44
CA LYS A 61 -29.75 8.82 29.59
C LYS A 61 -28.82 9.43 28.55
N ALA A 62 -28.04 8.61 27.84
CA ALA A 62 -27.08 9.12 26.87
C ALA A 62 -26.89 8.10 25.76
N LYS A 63 -26.29 8.56 24.66
CA LYS A 63 -26.05 7.67 23.53
C LYS A 63 -24.98 6.64 23.84
N GLU A 64 -23.98 6.99 24.65
CA GLU A 64 -22.96 6.03 25.03
C GLU A 64 -23.54 4.91 25.88
N GLU A 65 -24.60 5.19 26.65
CA GLU A 65 -25.23 4.16 27.44
C GLU A 65 -25.90 3.10 26.57
N ILE A 66 -26.40 3.49 25.39
CA ILE A 66 -26.99 2.52 24.48
C ILE A 66 -25.91 1.63 23.89
N LEU A 67 -24.76 2.21 23.53
CA LEU A 67 -23.69 1.43 22.93
C LEU A 67 -23.15 0.40 23.91
N VAL A 68 -23.08 0.75 25.20
CA VAL A 68 -22.60 -0.20 26.21
C VAL A 68 -23.60 -1.32 26.39
N ALA A 69 -24.90 -1.00 26.39
CA ALA A 69 -25.92 -2.03 26.54
C ALA A 69 -25.91 -3.00 25.36
N ILE A 70 -25.55 -2.52 24.17
CA ILE A 70 -25.42 -3.41 23.02
C ILE A 70 -24.25 -4.36 23.21
N SER A 71 -23.14 -3.86 23.76
CA SER A 71 -22.00 -4.73 24.02
C SER A 71 -22.32 -5.78 25.08
N GLN A 72 -23.15 -5.44 26.06
CA GLN A 72 -23.55 -6.40 27.08
C GLN A 72 -24.32 -7.56 26.47
N GLY A 73 -25.17 -7.29 25.49
CA GLY A 73 -25.97 -8.34 24.90
C GLY A 73 -25.19 -9.23 23.96
N LEU A 74 -24.35 -8.62 23.11
CA LEU A 74 -23.55 -9.38 22.16
C LEU A 74 -22.34 -10.07 22.79
N GLY A 75 -22.09 -9.83 24.08
CA GLY A 75 -21.03 -10.50 24.80
C GLY A 75 -21.47 -11.70 25.61
N GLY A 76 -22.70 -12.20 25.39
CA GLY A 76 -23.22 -13.34 26.10
C GLY A 76 -22.36 -14.59 25.95
N PRO A 77 -22.11 -15.02 24.71
CA PRO A 77 -21.26 -16.19 24.50
C PRO A 77 -19.88 -16.08 25.16
N VAL A 78 -19.37 -14.86 25.33
CA VAL A 78 -18.12 -14.69 26.07
C VAL A 78 -18.32 -15.06 27.54
N ASP A 79 -19.42 -14.59 28.14
CA ASP A 79 -19.71 -14.95 29.52
C ASP A 79 -20.01 -16.45 29.66
N GLU A 80 -20.64 -17.03 28.65
CA GLU A 80 -20.85 -18.48 28.65
C GLU A 80 -19.52 -19.23 28.56
N LEU A 81 -18.55 -18.66 27.83
CA LEU A 81 -17.25 -19.31 27.70
C LEU A 81 -16.50 -19.28 29.03
N VAL A 82 -16.60 -18.18 29.77
CA VAL A 82 -15.91 -18.08 31.06
C VAL A 82 -16.47 -19.10 32.04
N ALA A 83 -17.77 -19.39 31.95
CA ALA A 83 -18.38 -20.38 32.85
C ALA A 83 -17.82 -21.76 32.59
N TRP A 84 -17.73 -22.16 31.33
CA TRP A 84 -17.20 -23.49 30.99
C TRP A 84 -15.70 -23.56 31.22
N ALA A 85 -14.98 -22.45 30.98
CA ALA A 85 -13.52 -22.48 31.10
C ALA A 85 -13.08 -22.62 32.56
N ARG A 86 -13.83 -22.04 33.50
CA ARG A 86 -13.46 -22.15 34.91
C ARG A 86 -13.76 -23.52 35.49
N THR A 87 -14.35 -24.43 34.72
CA THR A 87 -14.61 -25.80 35.15
C THR A 87 -13.71 -26.80 34.44
N GLN A 88 -12.55 -26.34 33.99
CA GLN A 88 -11.61 -27.15 33.22
C GLN A 88 -10.32 -27.38 34.02
N PRO A 89 -9.58 -28.44 33.71
CA PRO A 89 -8.37 -28.77 34.50
C PRO A 89 -7.25 -27.75 34.40
N ARG A 90 -7.41 -26.67 33.64
CA ARG A 90 -6.40 -25.62 33.51
C ARG A 90 -5.10 -26.19 32.98
N THR A 91 -5.19 -26.81 31.80
CA THR A 91 -4.06 -27.36 31.07
C THR A 91 -3.79 -26.50 29.85
N LEU A 92 -2.71 -26.84 29.13
CA LEU A 92 -2.42 -26.12 27.89
C LEU A 92 -3.43 -26.46 26.81
N GLU A 93 -3.99 -27.67 26.85
CA GLU A 93 -5.07 -28.01 25.92
C GLU A 93 -6.35 -27.24 26.27
N THR A 94 -6.57 -26.97 27.56
CA THR A 94 -7.71 -26.14 27.96
C THR A 94 -7.61 -24.74 27.36
N LYS A 95 -6.42 -24.12 27.46
CA LYS A 95 -6.24 -22.78 26.94
C LYS A 95 -6.39 -22.73 25.42
N ARG A 96 -6.13 -23.84 24.74
CA ARG A 96 -6.31 -23.87 23.29
C ARG A 96 -7.78 -23.85 22.91
N GLU A 97 -8.60 -24.65 23.60
CA GLU A 97 -10.03 -24.67 23.31
C GLU A 97 -10.70 -23.36 23.71
N VAL A 98 -10.21 -22.72 24.79
CA VAL A 98 -10.73 -21.40 25.15
C VAL A 98 -10.43 -20.40 24.04
N LEU A 99 -9.23 -20.48 23.45
CA LEU A 99 -8.88 -19.59 22.34
C LEU A 99 -9.73 -19.89 21.11
N ARG A 100 -10.08 -21.15 20.89
CA ARG A 100 -10.95 -21.49 19.77
C ARG A 100 -12.36 -20.95 20.00
N ARG A 101 -12.92 -21.19 21.18
CA ARG A 101 -14.27 -20.72 21.48
C ARG A 101 -14.32 -19.20 21.56
N TYR A 102 -13.24 -18.56 22.00
CA TYR A 102 -13.22 -17.10 22.04
C TYR A 102 -13.23 -16.51 20.64
N SER A 103 -12.55 -17.16 19.70
CA SER A 103 -12.60 -16.72 18.32
C SER A 103 -14.00 -16.90 17.73
N GLU A 104 -14.74 -17.91 18.21
CA GLU A 104 -16.09 -18.13 17.73
C GLU A 104 -17.10 -17.23 18.45
N ALA A 105 -16.80 -16.84 19.68
CA ALA A 105 -17.73 -15.99 20.41
C ALA A 105 -17.74 -14.56 19.88
N LEU A 106 -16.64 -14.11 19.27
CA LEU A 106 -16.56 -12.75 18.76
C LEU A 106 -17.25 -12.58 17.41
N GLY A 108 -20.53 -12.76 16.90
CA GLY A 108 -21.73 -11.97 17.16
C GLY A 108 -21.48 -10.49 17.30
N ALA A 109 -20.26 -10.10 17.68
CA ALA A 109 -19.91 -8.70 17.85
C ALA A 109 -19.29 -8.09 16.60
N ALA A 110 -19.44 -8.75 15.45
CA ALA A 110 -18.86 -8.24 14.21
C ALA A 110 -19.34 -6.84 13.85
N PRO A 111 -20.64 -6.51 13.88
CA PRO A 111 -21.03 -5.12 13.59
C PRO A 111 -20.53 -4.12 14.62
N LEU A 112 -20.20 -4.58 15.83
CA LEU A 112 -19.67 -3.66 16.84
C LEU A 112 -18.26 -3.20 16.50
N PHE A 113 -17.40 -4.13 16.06
CA PHE A 113 -16.08 -3.75 15.59
C PHE A 113 -16.16 -2.86 14.35
N ARG A 114 -17.16 -3.10 13.50
CA ARG A 114 -17.35 -2.25 12.32
C ARG A 114 -17.63 -0.81 12.73
N ILE A 115 -18.38 -0.62 13.81
CA ILE A 115 -18.71 0.73 14.26
C ILE A 115 -17.49 1.41 14.89
N GLN A 117 -14.43 1.01 14.10
CA GLN A 117 -13.54 1.44 13.03
C GLN A 117 -14.08 2.69 12.34
N GLU A 118 -15.40 2.86 12.32
CA GLU A 118 -15.99 4.05 11.71
C GLU A 118 -15.89 5.26 12.63
N SER A 119 -16.27 5.09 13.89
CA SER A 119 -16.32 6.18 14.87
C SER A 119 -15.20 6.01 15.88
N GLY A 120 -14.31 7.00 15.96
CA GLY A 120 -13.31 7.01 17.02
C GLY A 120 -13.90 7.23 18.40
N ALA A 121 -15.07 7.87 18.47
CA ALA A 121 -15.73 8.03 19.76
C ALA A 121 -16.30 6.70 20.26
N ALA A 122 -16.82 5.88 19.35
CA ALA A 122 -17.28 4.55 19.74
C ALA A 122 -16.12 3.66 20.13
N LEU A 123 -14.93 3.91 19.57
CA LEU A 123 -13.74 3.14 19.95
C LEU A 123 -13.31 3.48 21.37
N ARG A 124 -13.35 4.76 21.74
CA ARG A 124 -12.87 5.17 23.05
C ARG A 124 -13.84 4.78 24.15
N THR A 125 -15.15 4.92 23.90
CA THR A 125 -16.13 4.63 24.94
C THR A 125 -16.19 3.14 25.26
N LEU A 126 -15.99 2.29 24.25
CA LEU A 126 -16.04 0.85 24.46
C LEU A 126 -14.70 0.29 24.92
N GLY A 127 -13.60 0.80 24.37
CA GLY A 127 -12.28 0.33 24.79
C GLY A 127 -11.97 0.68 26.24
N ILE A 128 -12.35 1.90 26.65
CA ILE A 128 -12.17 2.31 28.05
C ILE A 128 -13.29 1.81 28.94
N GLY A 129 -14.38 1.31 28.36
CA GLY A 129 -15.50 0.85 29.16
C GLY A 129 -15.09 -0.29 30.08
N GLN A 130 -15.62 -0.26 31.30
CA GLN A 130 -15.23 -1.25 32.31
C GLN A 130 -15.80 -2.62 32.01
N THR A 131 -16.99 -2.69 31.40
CA THR A 131 -17.62 -3.97 31.13
C THR A 131 -16.88 -4.75 30.05
N LEU A 132 -16.54 -4.09 28.94
CA LEU A 132 -15.81 -4.77 27.88
C LEU A 132 -14.38 -5.07 28.29
N ASN A 133 -13.79 -4.23 29.15
CA ASN A 133 -12.45 -4.50 29.65
C ASN A 133 -12.44 -5.60 30.69
N ASP A 134 -13.59 -5.90 31.30
CA ASP A 134 -13.67 -7.00 32.26
C ASP A 134 -13.79 -8.35 31.55
N ARG A 135 -14.38 -8.38 30.35
CA ARG A 135 -14.49 -9.63 29.61
C ARG A 135 -13.11 -10.17 29.23
N ILE A 136 -12.31 -9.36 28.55
CA ILE A 136 -10.98 -9.80 28.14
C ILE A 136 -10.09 -10.05 29.34
N ALA A 137 -10.37 -9.39 30.46
CA ALA A 137 -9.63 -9.66 31.69
C ALA A 137 -9.98 -11.03 32.25
N ALA A 138 -11.26 -11.42 32.16
CA ALA A 138 -11.66 -12.74 32.61
C ALA A 138 -11.08 -13.84 31.72
N ILE A 139 -11.02 -13.59 30.40
CA ILE A 139 -10.43 -14.56 29.49
C ILE A 139 -8.94 -14.72 29.77
N GLY A 140 -8.27 -13.62 30.08
CA GLY A 140 -6.85 -13.68 30.42
C GLY A 140 -6.56 -14.43 31.69
N GLU A 141 -7.54 -14.56 32.59
CA GLU A 141 -7.34 -15.35 33.80
C GLU A 141 -7.09 -16.82 33.47
N LEU A 142 -7.80 -17.35 32.48
CA LEU A 142 -7.60 -18.75 32.08
C LEU A 142 -6.33 -18.93 31.27
N TYR A 144 -3.46 -17.34 31.84
CA TYR A 144 -2.28 -17.02 32.62
C TYR A 144 -1.57 -18.28 33.10
N GLN A 145 -0.25 -18.30 32.96
CA GLN A 145 0.59 -19.37 33.46
C GLN A 145 1.26 -18.88 34.75
N ASP A 146 1.12 -19.66 35.82
CA ASP A 146 1.59 -19.24 37.13
C ASP A 146 3.11 -19.09 37.15
N GLY A 147 3.83 -20.16 36.82
CA GLY A 147 5.27 -20.18 36.89
C GLY A 147 6.00 -19.76 35.63
N ALA A 148 5.31 -19.14 34.67
CA ALA A 148 5.97 -18.73 33.44
C ALA A 148 6.86 -17.51 33.68
N SER A 149 7.95 -17.44 32.91
CA SER A 149 8.88 -16.32 33.00
C SER A 149 8.37 -15.18 32.11
N VAL A 150 9.24 -14.24 31.76
CA VAL A 150 8.81 -13.08 30.98
C VAL A 150 8.55 -13.48 29.53
N ARG A 151 9.42 -14.30 28.95
CA ARG A 151 9.27 -14.69 27.55
C ARG A 151 7.99 -15.49 27.32
N SER A 152 7.76 -16.50 28.18
CA SER A 152 6.59 -17.35 27.99
C SER A 152 5.29 -16.60 28.29
N GLN A 153 5.33 -15.66 29.22
CA GLN A 153 4.10 -14.95 29.58
C GLN A 153 3.67 -13.98 28.49
N VAL A 154 4.62 -13.38 27.78
CA VAL A 154 4.26 -12.47 26.69
C VAL A 154 3.69 -13.24 25.51
N ARG A 155 4.18 -14.46 25.27
CA ARG A 155 3.72 -15.22 24.11
C ARG A 155 2.29 -15.73 24.29
N ILE A 156 1.91 -16.11 25.52
CA ILE A 156 0.53 -16.52 25.73
C ILE A 156 -0.41 -15.32 25.72
N SER A 157 0.11 -14.14 26.05
CA SER A 157 -0.69 -12.92 25.90
C SER A 157 -0.78 -12.49 24.45
N ASP A 158 0.27 -12.76 23.65
CA ASP A 158 0.21 -12.46 22.22
C ASP A 158 -0.82 -13.35 21.52
N ALA A 159 -0.96 -14.60 21.97
CA ALA A 159 -1.92 -15.50 21.35
C ALA A 159 -3.36 -15.04 21.62
N LEU A 160 -3.62 -14.54 22.82
CA LEU A 160 -4.96 -14.05 23.14
C LEU A 160 -5.23 -12.71 22.47
N ALA A 161 -4.24 -11.81 22.48
CA ALA A 161 -4.44 -10.49 21.89
C ALA A 161 -4.59 -10.57 20.37
N SER A 162 -3.96 -11.56 19.72
CA SER A 162 -4.08 -11.69 18.28
C SER A 162 -5.52 -12.00 17.88
N VAL A 163 -6.19 -12.86 18.65
CA VAL A 163 -7.59 -13.16 18.37
C VAL A 163 -8.48 -12.00 18.79
N HIS A 164 -8.11 -11.29 19.87
CA HIS A 164 -8.92 -10.19 20.37
C HIS A 164 -9.02 -9.07 19.34
N PHE A 165 -7.88 -8.55 18.90
CA PHE A 165 -7.84 -7.48 17.92
C PHE A 165 -8.00 -7.98 16.48
N GLY A 166 -8.42 -9.23 16.29
CA GLY A 166 -8.49 -9.79 14.95
C GLY A 166 -9.47 -9.07 14.05
N ALA A 167 -10.63 -8.70 14.60
CA ALA A 167 -11.69 -8.08 13.79
C ALA A 167 -11.30 -6.71 13.24
N PHE A 168 -10.16 -6.16 13.65
CA PHE A 168 -9.73 -4.84 13.18
C PHE A 168 -8.88 -4.93 11.92
N PHE A 169 -7.79 -5.70 11.97
CA PHE A 169 -6.89 -5.77 10.82
C PHE A 169 -7.35 -6.76 9.76
N LEU A 170 -8.25 -7.68 10.10
CA LEU A 170 -8.81 -8.61 9.13
C LEU A 170 -9.95 -8.00 8.32
N SER A 171 -10.13 -6.68 8.38
CA SER A 171 -11.27 -6.06 7.72
C SER A 171 -11.07 -6.00 6.21
N ALA A 172 -9.95 -5.43 5.77
CA ALA A 172 -9.69 -5.20 4.35
C ALA A 172 -8.60 -6.10 3.80
N ILE A 173 -8.43 -7.29 4.38
CA ILE A 173 -7.42 -8.22 3.90
C ILE A 173 -7.91 -8.98 2.68
N GLU A 174 -8.99 -9.76 2.84
CA GLU A 174 -9.53 -10.55 1.75
C GLU A 174 -11.05 -10.55 1.87
N GLY A 175 -11.69 -11.55 1.27
CA GLY A 175 -13.14 -11.57 1.18
C GLY A 175 -13.84 -12.30 2.30
N ASP A 176 -13.75 -13.62 2.32
CA ASP A 176 -14.53 -14.42 3.27
C ASP A 176 -13.95 -14.30 4.67
N PRO A 177 -14.75 -13.95 5.67
CA PRO A 177 -14.22 -13.85 7.03
C PRO A 177 -13.95 -15.19 7.69
N GLU A 178 -14.75 -16.22 7.37
CA GLU A 178 -14.55 -17.53 7.99
C GLU A 178 -13.19 -18.11 7.66
N GLU A 179 -12.77 -17.97 6.40
CA GLU A 179 -11.42 -18.41 6.04
C GLU A 179 -10.36 -17.55 6.73
N LYS A 180 -10.64 -16.26 6.89
CA LYS A 180 -9.70 -15.38 7.58
C LYS A 180 -9.74 -15.60 9.09
N ARG A 181 -10.91 -15.89 9.65
CA ARG A 181 -10.98 -16.18 11.08
C ARG A 181 -10.28 -17.48 11.41
N LYS A 182 -10.46 -18.52 10.58
CA LYS A 182 -9.78 -19.78 10.80
C LYS A 182 -8.27 -19.62 10.65
N ALA A 183 -7.83 -18.81 9.68
CA ALA A 183 -6.40 -18.59 9.50
C ALA A 183 -5.81 -17.81 10.66
N LEU A 184 -6.53 -16.79 11.15
CA LEU A 184 -6.05 -16.03 12.30
C LEU A 184 -6.05 -16.89 13.56
N LEU A 185 -7.09 -17.72 13.74
CA LEU A 185 -7.11 -18.64 14.87
C LEU A 185 -6.01 -19.68 14.75
N GLU A 186 -5.71 -20.12 13.52
CA GLU A 186 -4.64 -21.10 13.32
C GLU A 186 -3.28 -20.48 13.66
N SER A 187 -3.03 -19.26 13.18
CA SER A 187 -1.75 -18.61 13.46
C SER A 187 -1.61 -18.25 14.94
N ALA A 188 -2.71 -17.89 15.60
CA ALA A 188 -2.63 -17.56 17.01
C ALA A 188 -2.41 -18.79 17.87
N LEU A 189 -2.91 -19.95 17.44
CA LEU A 189 -2.67 -21.19 18.18
C LEU A 189 -1.19 -21.56 18.15
N GLU A 190 -0.51 -21.28 17.04
CA GLU A 190 0.91 -21.57 16.96
C GLU A 190 1.71 -20.67 17.89
N THR A 191 1.29 -19.41 18.04
CA THR A 191 1.93 -18.53 19.02
C THR A 191 1.66 -19.00 20.43
N LEU A 192 0.48 -19.57 20.69
CA LEU A 192 0.20 -20.15 22.00
C LEU A 192 1.10 -21.36 22.25
N ASP A 193 1.35 -22.17 21.22
CA ASP A 193 2.26 -23.30 21.35
C ASP A 193 3.71 -22.84 21.56
N SER A 194 4.04 -21.62 21.16
CA SER A 194 5.39 -21.08 21.35
C SER A 194 5.73 -20.84 22.81
N SER A 195 4.76 -20.97 23.72
CA SER A 195 5.05 -20.81 25.14
C SER A 195 5.98 -21.90 25.65
N ALA A 196 5.94 -23.08 25.04
CA ALA A 196 6.79 -24.21 25.39
C ALA A 196 6.71 -24.55 26.88
N HIS B 14 10.04 36.47 22.78
CA HIS B 14 10.29 35.13 22.29
C HIS B 14 9.22 34.16 22.81
N VAL B 15 8.22 34.70 23.48
CA VAL B 15 7.13 33.88 24.01
C VAL B 15 6.18 33.43 22.92
N ARG B 16 6.23 34.03 21.74
CA ARG B 16 5.38 33.66 20.62
C ARG B 16 6.03 32.67 19.66
N GLY B 17 7.28 32.28 19.92
CA GLY B 17 8.01 31.42 19.01
C GLY B 17 7.77 29.94 19.26
N ALA B 18 8.34 29.12 18.37
CA ALA B 18 8.21 27.68 18.48
C ALA B 18 9.06 27.08 19.60
N ASN B 19 10.06 27.82 20.09
CA ASN B 19 10.86 27.33 21.20
C ASN B 19 10.00 27.21 22.47
N THR B 20 9.14 28.19 22.72
CA THR B 20 8.23 28.10 23.86
C THR B 20 7.17 27.02 23.63
N ARG B 21 6.73 26.86 22.38
CA ARG B 21 5.74 25.83 22.08
C ARG B 21 6.27 24.44 22.42
N ASP B 22 7.51 24.15 22.01
CA ASP B 22 8.13 22.89 22.40
C ASP B 22 8.35 22.83 23.91
N LYS B 23 8.61 23.98 24.54
CA LYS B 23 8.75 24.00 25.99
C LYS B 23 7.43 23.70 26.68
N ILE B 24 6.30 24.10 26.08
CA ILE B 24 5.00 23.77 26.64
C ILE B 24 4.76 22.26 26.56
N GLN B 25 5.11 21.64 25.43
CA GLN B 25 4.91 20.20 25.28
C GLN B 25 5.82 19.41 26.20
N SER B 26 7.06 19.86 26.38
CA SER B 26 8.00 19.13 27.22
C SER B 26 7.60 19.22 28.70
N VAL B 27 7.12 20.39 29.13
CA VAL B 27 6.70 20.54 30.52
C VAL B 27 5.38 19.82 30.77
N ALA B 28 4.44 19.91 29.84
CA ALA B 28 3.15 19.25 30.01
C ALA B 28 3.29 17.74 30.00
N LEU B 29 4.18 17.21 29.15
CA LEU B 29 4.40 15.77 29.12
C LEU B 29 5.00 15.27 30.43
N GLU B 30 5.86 16.08 31.07
CA GLU B 30 6.41 15.69 32.36
C GLU B 30 5.31 15.61 33.41
N LEU B 31 4.45 16.62 33.47
CA LEU B 31 3.38 16.63 34.46
C LEU B 31 2.37 15.51 34.22
N PHE B 32 2.14 15.15 32.95
CA PHE B 32 1.23 14.06 32.65
C PHE B 32 1.73 12.72 33.15
N ILE B 33 3.04 12.57 33.34
CA ILE B 33 3.60 11.31 33.82
C ILE B 33 3.68 11.27 35.34
N GLU B 34 4.07 12.38 35.97
CA GLU B 34 4.25 12.40 37.41
C GLU B 34 2.92 12.28 38.14
N ARG B 35 1.95 13.13 37.79
CA ARG B 35 0.69 13.18 38.51
C ARG B 35 -0.52 12.76 37.69
N GLY B 36 -0.39 12.56 36.39
CA GLY B 36 -1.49 12.05 35.61
C GLY B 36 -2.11 13.12 34.72
N TYR B 37 -2.76 12.66 33.64
CA TYR B 37 -3.39 13.59 32.71
C TYR B 37 -4.66 14.19 33.28
N GLU B 38 -5.48 13.37 33.95
CA GLU B 38 -6.73 13.88 34.50
C GLU B 38 -6.49 14.77 35.70
N LYS B 39 -5.38 14.57 36.41
CA LYS B 39 -5.04 15.38 37.58
C LYS B 39 -4.18 16.59 37.24
N THR B 40 -4.04 16.92 35.97
CA THR B 40 -3.24 18.05 35.52
C THR B 40 -4.13 19.07 34.83
N SER B 41 -4.03 20.32 35.25
CA SER B 41 -4.83 21.41 34.69
C SER B 41 -3.93 22.37 33.94
N ARG B 43 -3.65 25.52 34.52
CA ARG B 43 -2.98 26.42 35.45
C ARG B 43 -1.68 25.83 35.98
N GLU B 44 -1.70 24.54 36.33
CA GLU B 44 -0.50 23.89 36.82
C GLU B 44 0.59 23.82 35.75
N ILE B 45 0.20 23.67 34.48
CA ILE B 45 1.17 23.65 33.40
C ILE B 45 1.74 25.04 33.17
N ALA B 46 0.90 26.06 33.27
CA ALA B 46 1.38 27.44 33.13
C ALA B 46 2.30 27.82 34.29
N GLU B 47 1.93 27.44 35.52
CA GLU B 47 2.78 27.74 36.66
C GLU B 47 4.05 26.91 36.63
N GLY B 48 3.97 25.66 36.14
CA GLY B 48 5.16 24.83 36.05
C GLY B 48 6.18 25.36 35.07
N LEU B 49 5.72 26.03 34.00
CA LEU B 49 6.62 26.62 33.03
C LEU B 49 7.07 28.02 33.45
N GLY B 50 6.22 28.77 34.13
CA GLY B 50 6.56 30.10 34.60
C GLY B 50 6.00 31.24 33.77
N ILE B 51 5.13 30.96 32.80
CA ILE B 51 4.53 31.99 31.98
C ILE B 51 3.05 32.12 32.36
N THR B 52 2.44 33.20 31.87
CA THR B 52 1.03 33.43 32.14
C THR B 52 0.15 32.47 31.35
N LYS B 53 -1.09 32.30 31.83
CA LYS B 53 -2.06 31.49 31.10
C LYS B 53 -2.40 32.09 29.75
N ALA B 54 -2.23 33.40 29.59
CA ALA B 54 -2.42 34.03 28.28
C ALA B 54 -1.38 33.51 27.28
N ALA B 55 -0.12 33.39 27.72
CA ALA B 55 0.92 32.88 26.83
C ALA B 55 0.73 31.40 26.53
N LEU B 56 0.15 30.64 27.47
CA LEU B 56 -0.12 29.23 27.22
C LEU B 56 -1.20 29.08 26.15
N TYR B 57 -2.34 29.75 26.34
CA TYR B 57 -3.45 29.64 25.41
C TYR B 57 -3.14 30.23 24.04
N TYR B 58 -2.04 30.96 23.89
CA TYR B 58 -1.68 31.47 22.58
C TYR B 58 -1.17 30.36 21.66
N HIS B 59 -0.56 29.32 22.22
CA HIS B 59 -0.07 28.19 21.46
C HIS B 59 -1.05 27.02 21.42
N PHE B 60 -1.68 26.69 22.55
CA PHE B 60 -2.66 25.63 22.63
C PHE B 60 -3.87 26.14 23.40
N LYS B 61 -5.05 26.03 22.80
CA LYS B 61 -6.29 26.51 23.39
C LYS B 61 -7.08 25.39 24.06
N ALA B 62 -6.44 24.26 24.38
CA ALA B 62 -7.09 23.15 25.06
C ALA B 62 -6.02 22.21 25.58
N LYS B 63 -6.33 21.51 26.67
CA LYS B 63 -5.38 20.54 27.21
C LYS B 63 -5.18 19.38 26.26
N GLU B 64 -6.26 18.93 25.60
CA GLU B 64 -6.13 17.86 24.60
C GLU B 64 -5.31 18.33 23.41
N GLU B 65 -5.32 19.63 23.11
CA GLU B 65 -4.55 20.15 21.99
C GLU B 65 -3.05 19.99 22.23
N ILE B 66 -2.60 20.06 23.48
CA ILE B 66 -1.20 19.78 23.79
C ILE B 66 -0.89 18.32 23.54
N LEU B 67 -1.78 17.42 23.96
CA LEU B 67 -1.53 15.99 23.80
C LEU B 67 -1.48 15.59 22.34
N VAL B 68 -2.21 16.30 21.47
CA VAL B 68 -2.12 16.03 20.05
C VAL B 68 -0.74 16.38 19.52
N ALA B 69 -0.18 17.51 19.97
CA ALA B 69 1.17 17.87 19.55
C ALA B 69 2.22 16.95 20.16
N ILE B 70 1.97 16.44 21.37
CA ILE B 70 2.89 15.47 21.96
C ILE B 70 2.88 14.17 21.18
N SER B 71 1.70 13.76 20.68
CA SER B 71 1.61 12.54 19.90
C SER B 71 2.38 12.66 18.60
N GLN B 72 2.32 13.83 17.95
CA GLN B 72 3.06 14.03 16.71
C GLN B 72 4.56 14.12 16.95
N GLY B 73 4.97 14.72 18.07
CA GLY B 73 6.38 14.77 18.39
C GLY B 73 6.98 13.41 18.64
N LEU B 74 6.27 12.57 19.39
CA LEU B 74 6.72 11.21 19.65
C LEU B 74 6.55 10.29 18.44
N GLY B 75 5.83 10.74 17.42
CA GLY B 75 5.66 9.95 16.21
C GLY B 75 6.65 10.33 15.13
N GLY B 76 7.80 10.86 15.54
CA GLY B 76 8.86 11.22 14.63
C GLY B 76 9.55 10.02 14.02
N PRO B 77 10.10 9.14 14.86
CA PRO B 77 10.78 7.94 14.34
C PRO B 77 9.94 7.10 13.40
N VAL B 78 8.64 6.96 13.66
CA VAL B 78 7.80 6.13 12.79
C VAL B 78 7.60 6.81 11.44
N ASP B 79 7.51 8.14 11.42
CA ASP B 79 7.39 8.85 10.16
C ASP B 79 8.66 8.70 9.32
N GLU B 80 9.82 8.78 9.96
CA GLU B 80 11.08 8.59 9.25
C GLU B 80 11.29 7.13 8.89
N LEU B 81 10.70 6.20 9.65
CA LEU B 81 10.76 4.80 9.29
C LEU B 81 9.95 4.52 8.04
N VAL B 82 8.80 5.17 7.90
CA VAL B 82 7.98 5.01 6.69
C VAL B 82 8.74 5.54 5.47
N ALA B 83 9.40 6.69 5.61
CA ALA B 83 10.13 7.27 4.50
C ALA B 83 11.31 6.38 4.09
N TRP B 84 11.99 5.76 5.06
CA TRP B 84 13.11 4.89 4.74
C TRP B 84 12.63 3.59 4.11
N ALA B 85 11.52 3.03 4.59
CA ALA B 85 11.04 1.76 4.08
C ALA B 85 10.45 1.87 2.68
N ARG B 86 9.99 3.07 2.28
CA ARG B 86 9.47 3.24 0.92
C ARG B 86 10.58 3.18 -0.12
N THR B 87 11.84 3.36 0.29
CA THR B 87 12.98 3.28 -0.60
C THR B 87 13.72 1.95 -0.48
N GLN B 88 13.06 0.93 0.05
CA GLN B 88 13.65 -0.37 0.28
C GLN B 88 13.15 -1.40 -0.74
N PRO B 89 13.89 -2.49 -0.96
CA PRO B 89 13.54 -3.42 -2.05
C PRO B 89 12.23 -4.17 -1.86
N ARG B 90 11.47 -3.90 -0.79
CA ARG B 90 10.15 -4.51 -0.58
C ARG B 90 10.26 -6.04 -0.50
N THR B 91 11.15 -6.52 0.36
CA THR B 91 11.36 -7.94 0.56
C THR B 91 11.03 -8.33 2.00
N LEU B 92 11.09 -9.63 2.27
CA LEU B 92 10.77 -10.11 3.61
C LEU B 92 11.79 -9.63 4.63
N GLU B 93 13.05 -9.49 4.22
CA GLU B 93 14.06 -8.95 5.14
C GLU B 93 13.76 -7.51 5.49
N THR B 94 13.36 -6.70 4.50
CA THR B 94 12.93 -5.33 4.78
C THR B 94 11.73 -5.32 5.70
N LYS B 95 10.75 -6.19 5.46
CA LYS B 95 9.58 -6.27 6.32
C LYS B 95 9.97 -6.64 7.75
N ARG B 96 11.03 -7.44 7.92
CA ARG B 96 11.52 -7.70 9.27
C ARG B 96 12.23 -6.49 9.85
N GLU B 97 12.88 -5.68 9.00
CA GLU B 97 13.59 -4.51 9.49
C GLU B 97 12.62 -3.42 9.94
N VAL B 98 11.60 -3.15 9.14
CA VAL B 98 10.62 -2.14 9.53
C VAL B 98 9.81 -2.61 10.73
N LEU B 99 9.55 -3.92 10.82
CA LEU B 99 8.84 -4.45 11.98
C LEU B 99 9.70 -4.35 13.23
N ARG B 100 11.02 -4.52 13.08
CA ARG B 100 11.92 -4.39 14.23
C ARG B 100 12.12 -2.93 14.62
N ARG B 101 12.11 -2.03 13.64
CA ARG B 101 12.26 -0.61 13.94
C ARG B 101 10.95 0.01 14.42
N TYR B 102 9.81 -0.49 13.94
CA TYR B 102 8.52 0.01 14.42
C TYR B 102 8.32 -0.31 15.90
N SER B 103 8.91 -1.40 16.38
CA SER B 103 8.86 -1.69 17.80
C SER B 103 9.70 -0.68 18.58
N GLU B 104 10.82 -0.24 18.02
CA GLU B 104 11.63 0.78 18.68
C GLU B 104 10.93 2.14 18.68
N ALA B 105 10.15 2.44 17.64
CA ALA B 105 9.48 3.73 17.56
C ALA B 105 8.35 3.82 18.58
N LEU B 106 7.63 2.72 18.79
CA LEU B 106 6.53 2.74 19.77
C LEU B 106 7.03 2.82 21.20
N GLY B 108 9.24 4.95 22.29
CA GLY B 108 9.27 6.37 22.60
C GLY B 108 7.90 6.93 22.92
N ALA B 109 6.86 6.44 22.26
CA ALA B 109 5.49 6.86 22.50
C ALA B 109 4.84 6.13 23.67
N ALA B 110 5.63 5.47 24.52
CA ALA B 110 5.05 4.74 25.64
C ALA B 110 4.33 5.64 26.64
N PRO B 111 4.84 6.81 27.03
CA PRO B 111 4.05 7.67 27.93
C PRO B 111 2.72 8.09 27.35
N LEU B 112 2.62 8.24 26.03
CA LEU B 112 1.35 8.58 25.41
C LEU B 112 0.34 7.43 25.57
N PHE B 113 0.78 6.20 25.29
CA PHE B 113 -0.10 5.05 25.45
C PHE B 113 -0.48 4.83 26.91
N ARG B 114 0.41 5.18 27.84
CA ARG B 114 0.08 5.07 29.25
C ARG B 114 -1.02 6.05 29.65
N ILE B 115 -1.04 7.23 29.03
CA ILE B 115 -2.09 8.21 29.32
C ILE B 115 -3.42 7.70 28.79
N GLN B 117 -4.39 4.74 28.32
CA GLN B 117 -4.85 3.55 29.02
C GLN B 117 -5.31 3.86 30.44
N GLU B 118 -4.73 4.88 31.08
CA GLU B 118 -5.10 5.22 32.45
C GLU B 118 -6.21 6.27 32.51
N SER B 119 -6.21 7.23 31.59
CA SER B 119 -7.25 8.24 31.56
C SER B 119 -8.54 7.64 31.00
N GLY B 120 -9.67 8.09 31.54
CA GLY B 120 -10.96 7.56 31.14
C GLY B 120 -11.68 8.40 30.11
N ALA B 121 -12.97 8.65 30.34
CA ALA B 121 -13.79 9.39 29.40
C ALA B 121 -13.41 10.86 29.27
N ALA B 122 -12.59 11.38 30.20
CA ALA B 122 -12.20 12.77 30.13
C ALA B 122 -11.33 13.06 28.90
N LEU B 123 -10.59 12.07 28.42
CA LEU B 123 -9.72 12.24 27.27
C LEU B 123 -10.46 11.84 26.01
N ARG B 124 -10.66 12.81 25.10
CA ARG B 124 -11.22 12.53 23.79
C ARG B 124 -10.08 12.31 22.80
N THR B 125 -10.01 11.10 22.26
CA THR B 125 -8.91 10.70 21.39
C THR B 125 -9.24 10.83 19.91
N LEU B 126 -10.19 11.69 19.55
CA LEU B 126 -10.49 11.92 18.14
C LEU B 126 -9.35 12.64 17.43
N GLY B 127 -8.55 13.39 18.17
CA GLY B 127 -7.45 14.14 17.58
C GLY B 127 -6.20 13.30 17.35
N ILE B 128 -5.69 12.66 18.41
CA ILE B 128 -4.49 11.86 18.27
C ILE B 128 -4.78 10.56 17.53
N GLY B 129 -6.03 10.11 17.52
CA GLY B 129 -6.37 8.91 16.77
C GLY B 129 -6.30 9.12 15.27
N GLN B 130 -6.47 10.37 14.82
CA GLN B 130 -6.33 10.67 13.41
C GLN B 130 -4.90 10.47 12.94
N THR B 131 -3.93 10.98 13.72
CA THR B 131 -2.52 10.77 13.37
C THR B 131 -2.09 9.34 13.64
N LEU B 132 -2.65 8.70 14.67
CA LEU B 132 -2.28 7.32 14.97
C LEU B 132 -2.77 6.37 13.89
N ASN B 133 -3.95 6.63 13.33
CA ASN B 133 -4.45 5.78 12.24
C ASN B 133 -3.67 5.99 10.95
N ASP B 134 -3.17 7.21 10.72
CA ASP B 134 -2.40 7.46 9.51
C ASP B 134 -1.02 6.81 9.58
N ARG B 135 -0.48 6.61 10.78
CA ARG B 135 0.81 5.95 10.91
C ARG B 135 0.69 4.45 10.69
N ILE B 136 -0.29 3.81 11.32
CA ILE B 136 -0.47 2.37 11.14
C ILE B 136 -0.91 2.06 9.72
N ALA B 137 -1.65 2.97 9.08
CA ALA B 137 -2.03 2.77 7.68
C ALA B 137 -0.81 2.85 6.77
N ALA B 138 0.11 3.78 7.04
CA ALA B 138 1.33 3.88 6.26
C ALA B 138 2.21 2.66 6.47
N ILE B 139 2.30 2.17 7.71
CA ILE B 139 3.06 0.96 7.97
C ILE B 139 2.38 -0.26 7.35
N GLY B 140 1.04 -0.28 7.38
CA GLY B 140 0.32 -1.42 6.84
C GLY B 140 0.48 -1.58 5.34
N GLU B 141 0.57 -0.46 4.61
CA GLU B 141 0.82 -0.51 3.18
C GLU B 141 2.20 -1.08 2.86
N LEU B 142 3.14 -1.00 3.79
CA LEU B 142 4.47 -1.52 3.55
C LEU B 142 4.56 -3.02 3.84
N TYR B 144 2.01 -4.98 3.49
CA TYR B 144 1.09 -5.59 2.56
C TYR B 144 1.84 -6.29 1.43
N GLN B 145 1.34 -7.45 1.01
CA GLN B 145 1.93 -8.23 -0.06
C GLN B 145 0.87 -8.52 -1.10
N ASP B 146 1.22 -8.31 -2.37
CA ASP B 146 0.25 -8.48 -3.46
C ASP B 146 -0.02 -9.96 -3.73
N GLY B 147 1.03 -10.71 -4.06
CA GLY B 147 0.87 -12.10 -4.44
C GLY B 147 0.88 -13.06 -3.26
N ALA B 148 0.24 -12.68 -2.16
CA ALA B 148 0.17 -13.51 -0.98
C ALA B 148 -1.21 -14.16 -0.86
N SER B 149 -1.23 -15.36 -0.30
CA SER B 149 -2.49 -16.07 -0.08
C SER B 149 -3.22 -15.47 1.12
N VAL B 150 -4.42 -16.00 1.40
CA VAL B 150 -5.19 -15.53 2.53
C VAL B 150 -4.48 -15.88 3.84
N ARG B 151 -3.87 -17.07 3.90
CA ARG B 151 -3.18 -17.50 5.11
C ARG B 151 -1.97 -16.61 5.38
N SER B 152 -1.16 -16.35 4.35
CA SER B 152 0.05 -15.55 4.55
C SER B 152 -0.28 -14.08 4.80
N GLN B 153 -1.37 -13.58 4.21
CA GLN B 153 -1.76 -12.20 4.46
C GLN B 153 -2.18 -11.98 5.91
N VAL B 154 -2.88 -12.96 6.49
CA VAL B 154 -3.32 -12.83 7.87
C VAL B 154 -2.13 -12.89 8.81
N ARG B 155 -1.16 -13.76 8.53
CA ARG B 155 0.01 -13.88 9.39
C ARG B 155 0.88 -12.63 9.37
N ILE B 156 0.91 -11.92 8.24
CA ILE B 156 1.66 -10.67 8.17
C ILE B 156 0.99 -9.61 9.04
N SER B 157 -0.32 -9.45 8.91
CA SER B 157 -1.05 -8.50 9.74
C SER B 157 -1.06 -8.92 11.20
N ASP B 158 -0.95 -10.23 11.47
CA ASP B 158 -0.83 -10.70 12.85
C ASP B 158 0.46 -10.20 13.47
N ALA B 159 1.57 -10.28 12.74
CA ALA B 159 2.85 -9.80 13.25
C ALA B 159 2.81 -8.28 13.45
N LEU B 160 2.13 -7.56 12.57
CA LEU B 160 2.05 -6.11 12.70
C LEU B 160 1.15 -5.72 13.87
N ALA B 161 -0.01 -6.36 13.99
CA ALA B 161 -0.93 -6.00 15.07
C ALA B 161 -0.38 -6.40 16.43
N SER B 162 0.46 -7.44 16.49
CA SER B 162 1.05 -7.83 17.77
C SER B 162 1.98 -6.75 18.29
N VAL B 163 2.81 -6.18 17.42
CA VAL B 163 3.71 -5.11 17.84
C VAL B 163 2.95 -3.80 18.02
N HIS B 164 1.94 -3.56 17.20
CA HIS B 164 1.20 -2.30 17.26
C HIS B 164 0.49 -2.15 18.61
N PHE B 165 -0.42 -3.07 18.91
CA PHE B 165 -1.14 -3.04 20.18
C PHE B 165 -0.31 -3.56 21.35
N GLY B 166 0.98 -3.83 21.13
CA GLY B 166 1.78 -4.44 22.18
C GLY B 166 1.88 -3.60 23.44
N ALA B 167 1.91 -2.28 23.28
CA ALA B 167 2.01 -1.39 24.44
C ALA B 167 0.73 -1.36 25.27
N PHE B 168 -0.32 -2.06 24.84
CA PHE B 168 -1.58 -2.07 25.57
C PHE B 168 -1.89 -3.41 26.24
N PHE B 169 -1.69 -4.54 25.56
CA PHE B 169 -1.98 -5.83 26.17
C PHE B 169 -0.82 -6.39 26.97
N LEU B 170 0.33 -5.71 26.99
CA LEU B 170 1.46 -6.11 27.81
C LEU B 170 1.60 -5.26 29.07
N SER B 171 0.68 -4.32 29.29
CA SER B 171 0.80 -3.41 30.41
C SER B 171 0.64 -4.11 31.76
N ALA B 172 -0.15 -5.19 31.80
CA ALA B 172 -0.43 -5.85 33.07
C ALA B 172 0.65 -6.83 33.48
N ILE B 173 1.53 -7.24 32.56
CA ILE B 173 2.61 -8.15 32.91
C ILE B 173 3.66 -7.40 33.72
N GLU B 174 4.12 -8.02 34.80
CA GLU B 174 5.01 -7.38 35.76
C GLU B 174 6.48 -7.43 35.33
N GLY B 175 6.77 -7.86 34.11
CA GLY B 175 8.14 -7.93 33.64
C GLY B 175 8.73 -6.55 33.38
N ASP B 176 9.99 -6.56 32.95
CA ASP B 176 10.67 -5.33 32.61
C ASP B 176 10.12 -4.77 31.30
N PRO B 177 9.93 -3.45 31.20
CA PRO B 177 9.32 -2.89 29.97
C PRO B 177 10.08 -3.24 28.70
N GLU B 178 11.42 -3.17 28.73
CA GLU B 178 12.19 -3.51 27.54
C GLU B 178 12.16 -5.01 27.27
N GLU B 179 12.24 -5.83 28.33
CA GLU B 179 12.25 -7.27 28.15
C GLU B 179 10.94 -7.77 27.57
N LYS B 180 9.83 -7.16 27.97
CA LYS B 180 8.53 -7.53 27.40
C LYS B 180 8.46 -7.16 25.93
N ARG B 181 9.04 -6.02 25.55
CA ARG B 181 9.07 -5.63 24.14
C ARG B 181 9.96 -6.56 23.33
N LYS B 182 11.09 -6.99 23.92
CA LYS B 182 11.98 -7.91 23.23
C LYS B 182 11.28 -9.23 22.93
N ALA B 183 10.57 -9.79 23.93
CA ALA B 183 9.90 -11.07 23.74
C ALA B 183 8.77 -10.97 22.72
N LEU B 184 8.00 -9.89 22.78
CA LEU B 184 6.89 -9.72 21.84
C LEU B 184 7.39 -9.50 20.43
N LEU B 185 8.48 -8.73 20.27
CA LEU B 185 9.05 -8.50 18.95
C LEU B 185 9.54 -9.81 18.33
N GLU B 186 10.11 -10.69 19.15
CA GLU B 186 10.59 -11.97 18.64
C GLU B 186 9.43 -12.89 18.27
N SER B 187 8.35 -12.86 19.06
CA SER B 187 7.19 -13.69 18.76
C SER B 187 6.50 -13.23 17.48
N ALA B 188 6.40 -11.92 17.28
CA ALA B 188 5.83 -11.41 16.04
C ALA B 188 6.74 -11.69 14.85
N LEU B 189 8.06 -11.69 15.07
CA LEU B 189 8.99 -12.00 13.99
C LEU B 189 8.86 -13.45 13.55
N GLU B 190 8.56 -14.36 14.49
CA GLU B 190 8.29 -15.74 14.11
C GLU B 190 6.99 -15.85 13.33
N THR B 191 5.97 -15.10 13.74
CA THR B 191 4.70 -15.09 13.00
C THR B 191 4.87 -14.44 11.62
N LEU B 192 5.76 -13.44 11.51
CA LEU B 192 6.03 -12.84 10.21
C LEU B 192 6.72 -13.83 9.28
N ASP B 193 7.69 -14.59 9.81
CA ASP B 193 8.37 -15.61 9.00
C ASP B 193 7.44 -16.76 8.65
N SER B 194 6.34 -16.94 9.39
CA SER B 194 5.41 -18.01 9.09
C SER B 194 4.68 -17.77 7.77
N SER B 195 4.55 -16.50 7.37
CA SER B 195 3.89 -16.17 6.12
C SER B 195 4.74 -16.50 4.89
N ALA B 196 6.03 -16.77 5.09
CA ALA B 196 6.91 -17.08 3.96
C ALA B 196 6.54 -18.42 3.34
N GLU B 197 6.63 -18.49 2.02
CA GLU B 197 6.39 -19.71 1.26
C GLU B 197 5.00 -20.27 1.52
N ASN C 19 34.70 -10.20 -4.56
CA ASN C 19 34.53 -11.15 -3.47
C ASN C 19 33.59 -12.28 -3.89
N THR C 20 33.29 -13.18 -2.94
CA THR C 20 32.37 -14.27 -3.23
C THR C 20 30.94 -13.76 -3.42
N ARG C 21 30.61 -12.63 -2.80
CA ARG C 21 29.26 -12.07 -2.96
C ARG C 21 29.00 -11.68 -4.41
N ASP C 22 29.99 -11.09 -5.08
CA ASP C 22 29.83 -10.76 -6.49
C ASP C 22 29.73 -12.02 -7.33
N LYS C 23 30.37 -13.11 -6.89
CA LYS C 23 30.30 -14.36 -7.64
C LYS C 23 28.90 -14.98 -7.57
N ILE C 24 28.24 -14.84 -6.42
CA ILE C 24 26.90 -15.40 -6.27
C ILE C 24 25.93 -14.74 -7.24
N GLN C 25 26.02 -13.41 -7.38
CA GLN C 25 25.13 -12.70 -8.29
C GLN C 25 25.38 -13.09 -9.73
N SER C 26 26.64 -13.28 -10.11
CA SER C 26 26.96 -13.66 -11.49
C SER C 26 26.43 -15.05 -11.81
N VAL C 27 26.68 -16.02 -10.93
CA VAL C 27 26.22 -17.38 -11.17
C VAL C 27 24.70 -17.44 -11.13
N ALA C 28 24.07 -16.64 -10.26
CA ALA C 28 22.62 -16.64 -10.19
C ALA C 28 22.01 -16.02 -11.44
N LEU C 29 22.62 -14.94 -11.95
CA LEU C 29 22.09 -14.31 -13.16
C LEU C 29 22.20 -15.24 -14.37
N GLU C 30 23.29 -16.00 -14.46
CA GLU C 30 23.39 -17.02 -15.50
C GLU C 30 22.31 -18.07 -15.33
N LEU C 31 22.05 -18.48 -14.09
CA LEU C 31 21.04 -19.49 -13.79
C LEU C 31 19.62 -18.92 -13.82
N PHE C 32 19.46 -17.63 -14.03
CA PHE C 32 18.15 -17.02 -14.21
C PHE C 32 17.76 -16.86 -15.67
N ILE C 33 18.70 -16.45 -16.52
CA ILE C 33 18.43 -16.42 -17.96
C ILE C 33 18.18 -17.82 -18.48
N GLU C 34 19.04 -18.76 -18.14
CA GLU C 34 18.79 -20.17 -18.41
C GLU C 34 17.79 -20.73 -17.41
N ARG C 35 16.93 -21.61 -17.90
CA ARG C 35 15.95 -22.35 -17.09
C ARG C 35 14.93 -21.46 -16.40
N GLY C 36 15.01 -20.14 -16.58
CA GLY C 36 14.07 -19.23 -15.97
C GLY C 36 14.41 -18.92 -14.51
N TYR C 37 13.68 -17.95 -13.97
CA TYR C 37 13.92 -17.51 -12.60
C TYR C 37 13.18 -18.39 -11.59
N GLU C 38 11.91 -18.69 -11.87
CA GLU C 38 11.08 -19.45 -10.93
C GLU C 38 11.60 -20.86 -10.73
N LYS C 39 12.17 -21.47 -11.77
CA LYS C 39 12.62 -22.86 -11.71
C LYS C 39 14.01 -23.00 -11.11
N THR C 40 14.69 -21.91 -10.80
CA THR C 40 16.02 -21.98 -10.21
C THR C 40 15.92 -22.14 -8.70
N SER C 41 16.74 -23.04 -8.16
CA SER C 41 16.76 -23.35 -6.74
C SER C 41 18.02 -22.81 -6.09
N ARG C 43 20.02 -24.69 -4.25
CA ARG C 43 21.04 -25.70 -4.42
C ARG C 43 21.79 -25.52 -5.75
N GLU C 44 21.06 -25.13 -6.80
CA GLU C 44 21.70 -24.94 -8.10
C GLU C 44 22.69 -23.77 -8.07
N ILE C 45 22.36 -22.71 -7.32
CA ILE C 45 23.23 -21.55 -7.27
C ILE C 45 24.48 -21.86 -6.45
N ALA C 46 24.33 -22.61 -5.36
CA ALA C 46 25.48 -22.97 -4.54
C ALA C 46 26.40 -23.93 -5.29
N GLU C 47 25.83 -24.85 -6.07
CA GLU C 47 26.66 -25.78 -6.82
C GLU C 47 27.32 -25.12 -8.03
N GLY C 48 26.62 -24.16 -8.65
CA GLY C 48 27.20 -23.45 -9.79
C GLY C 48 28.46 -22.71 -9.42
N LEU C 49 28.50 -22.12 -8.23
CA LEU C 49 29.72 -21.47 -7.75
C LEU C 49 30.75 -22.51 -7.28
N GLY C 50 30.28 -23.55 -6.61
CA GLY C 50 31.14 -24.56 -6.06
C GLY C 50 31.22 -24.60 -4.54
N ILE C 51 30.27 -23.99 -3.84
CA ILE C 51 30.26 -23.95 -2.38
C ILE C 51 29.02 -24.67 -1.88
N THR C 52 29.00 -24.90 -0.57
CA THR C 52 27.87 -25.56 0.06
C THR C 52 26.71 -24.57 0.25
N LYS C 53 25.53 -25.11 0.51
CA LYS C 53 24.38 -24.26 0.77
C LYS C 53 24.54 -23.47 2.06
N ALA C 54 25.29 -24.01 3.03
CA ALA C 54 25.57 -23.26 4.24
C ALA C 54 26.41 -22.02 3.93
N ALA C 55 27.35 -22.15 2.98
CA ALA C 55 28.12 -21.00 2.54
C ALA C 55 27.26 -20.04 1.71
N LEU C 56 26.22 -20.56 1.05
CA LEU C 56 25.30 -19.70 0.31
C LEU C 56 24.39 -18.90 1.23
N TYR C 57 24.07 -19.43 2.40
CA TYR C 57 23.25 -18.71 3.37
C TYR C 57 24.07 -17.78 4.25
N TYR C 58 25.39 -17.70 4.02
CA TYR C 58 26.19 -16.66 4.65
C TYR C 58 25.70 -15.28 4.23
N HIS C 59 25.53 -15.07 2.93
CA HIS C 59 25.22 -13.75 2.40
C HIS C 59 23.73 -13.60 2.14
N PHE C 60 23.22 -14.37 1.17
CA PHE C 60 21.86 -14.24 0.69
C PHE C 60 21.00 -15.30 1.37
N LYS C 61 20.08 -14.86 2.24
CA LYS C 61 19.26 -15.81 2.98
C LYS C 61 18.09 -16.32 2.15
N ALA C 62 17.61 -15.54 1.19
CA ALA C 62 16.49 -15.90 0.36
C ALA C 62 16.83 -15.62 -1.10
N LYS C 63 16.05 -16.24 -2.01
CA LYS C 63 16.27 -16.02 -3.43
C LYS C 63 15.89 -14.61 -3.85
N GLU C 64 14.93 -13.99 -3.16
CA GLU C 64 14.58 -12.61 -3.45
C GLU C 64 15.74 -11.66 -3.16
N GLU C 65 16.58 -12.00 -2.19
CA GLU C 65 17.70 -11.13 -1.83
C GLU C 65 18.78 -11.12 -2.91
N ILE C 66 18.92 -12.22 -3.65
CA ILE C 66 19.91 -12.24 -4.72
C ILE C 66 19.46 -11.36 -5.88
N LEU C 67 18.17 -11.39 -6.21
CA LEU C 67 17.66 -10.54 -7.28
C LEU C 67 17.82 -9.06 -6.94
N VAL C 68 17.70 -8.70 -5.66
CA VAL C 68 17.87 -7.32 -5.26
C VAL C 68 19.30 -6.85 -5.49
N ALA C 69 20.28 -7.67 -5.06
CA ALA C 69 21.68 -7.31 -5.25
C ALA C 69 22.04 -7.27 -6.73
N ILE C 70 21.47 -8.19 -7.52
CA ILE C 70 21.70 -8.16 -8.96
C ILE C 70 21.13 -6.88 -9.57
N SER C 71 19.95 -6.47 -9.11
CA SER C 71 19.33 -5.25 -9.64
C SER C 71 20.14 -4.01 -9.26
N GLN C 72 20.61 -3.95 -8.01
CA GLN C 72 21.40 -2.80 -7.58
C GLN C 72 22.75 -2.74 -8.29
N GLY C 73 23.29 -3.90 -8.68
CA GLY C 73 24.55 -3.90 -9.42
C GLY C 73 24.38 -3.38 -10.83
N LEU C 74 23.32 -3.81 -11.52
CA LEU C 74 23.06 -3.32 -12.88
C LEU C 74 22.59 -1.87 -12.87
N GLY C 75 21.93 -1.43 -11.81
CA GLY C 75 21.51 -0.05 -11.70
C GLY C 75 22.64 0.92 -11.37
N GLY C 76 23.84 0.41 -11.11
CA GLY C 76 24.99 1.23 -10.81
C GLY C 76 25.35 2.20 -11.92
N PRO C 77 25.61 1.69 -13.13
CA PRO C 77 25.97 2.59 -14.24
C PRO C 77 24.95 3.68 -14.52
N VAL C 78 23.67 3.46 -14.20
CA VAL C 78 22.67 4.50 -14.42
C VAL C 78 22.84 5.62 -13.39
N ASP C 79 23.10 5.26 -12.13
CA ASP C 79 23.31 6.27 -11.11
C ASP C 79 24.58 7.07 -11.37
N GLU C 80 25.64 6.40 -11.85
CA GLU C 80 26.85 7.11 -12.22
C GLU C 80 26.60 8.08 -13.37
N LEU C 81 25.70 7.73 -14.28
CA LEU C 81 25.39 8.62 -15.40
C LEU C 81 24.64 9.86 -14.94
N VAL C 82 23.76 9.70 -13.95
CA VAL C 82 22.99 10.85 -13.45
C VAL C 82 23.90 11.83 -12.74
N ALA C 83 24.83 11.34 -11.92
CA ALA C 83 25.77 12.21 -11.24
C ALA C 83 26.67 12.94 -12.24
N TRP C 84 27.11 12.23 -13.29
CA TRP C 84 27.92 12.86 -14.33
C TRP C 84 27.10 13.87 -15.12
N ALA C 85 25.79 13.62 -15.27
CA ALA C 85 24.95 14.54 -16.04
C ALA C 85 24.71 15.84 -15.30
N ARG C 86 24.61 15.80 -13.97
CA ARG C 86 24.50 17.01 -13.18
C ARG C 86 25.79 17.84 -13.18
N THR C 87 26.83 17.36 -13.85
CA THR C 87 28.12 18.02 -13.95
C THR C 87 28.35 18.67 -15.30
N GLN C 88 27.58 18.29 -16.32
CA GLN C 88 27.78 18.72 -17.69
C GLN C 88 26.98 19.99 -17.99
N PRO C 89 27.37 20.73 -19.03
CA PRO C 89 26.78 22.06 -19.26
C PRO C 89 25.41 22.06 -19.92
N ARG C 90 24.72 20.93 -20.01
CA ARG C 90 23.38 20.86 -20.60
C ARG C 90 23.35 21.46 -22.01
N THR C 91 23.99 20.74 -22.93
CA THR C 91 24.04 21.12 -24.34
C THR C 91 23.57 19.95 -25.18
N LEU C 92 23.48 20.18 -26.50
CA LEU C 92 23.06 19.12 -27.41
C LEU C 92 24.06 17.98 -27.41
N GLU C 93 25.35 18.29 -27.32
CA GLU C 93 26.36 17.24 -27.24
C GLU C 93 26.29 16.50 -25.91
N THR C 94 25.94 17.21 -24.83
CA THR C 94 25.73 16.54 -23.56
C THR C 94 24.53 15.60 -23.63
N LYS C 95 23.43 16.07 -24.23
CA LYS C 95 22.26 15.21 -24.42
C LYS C 95 22.59 13.99 -25.26
N ARG C 96 23.50 14.12 -26.22
CA ARG C 96 23.89 12.99 -27.04
C ARG C 96 24.74 11.99 -26.27
N GLU C 97 25.67 12.49 -25.43
CA GLU C 97 26.51 11.60 -24.65
C GLU C 97 25.71 10.89 -23.55
N VAL C 98 24.73 11.59 -22.96
CA VAL C 98 23.87 10.94 -21.98
C VAL C 98 23.04 9.84 -22.62
N LEU C 99 22.56 10.07 -23.85
CA LEU C 99 21.75 9.06 -24.53
C LEU C 99 22.58 7.82 -24.86
N ARG C 100 23.83 8.02 -25.30
CA ARG C 100 24.69 6.89 -25.61
C ARG C 100 24.99 6.08 -24.35
N ARG C 101 25.37 6.75 -23.27
CA ARG C 101 25.75 6.06 -22.05
C ARG C 101 24.55 5.46 -21.32
N TYR C 102 23.34 5.94 -21.61
CA TYR C 102 22.15 5.28 -21.08
C TYR C 102 21.81 4.02 -21.87
N SER C 103 22.15 4.00 -23.16
CA SER C 103 21.95 2.78 -23.94
C SER C 103 22.94 1.69 -23.51
N GLU C 104 24.18 2.06 -23.20
CA GLU C 104 25.15 1.09 -22.75
C GLU C 104 24.81 0.55 -21.37
N ALA C 105 24.20 1.38 -20.51
CA ALA C 105 23.85 0.93 -19.17
C ALA C 105 22.65 -0.02 -19.20
N LEU C 106 21.69 0.25 -20.08
CA LEU C 106 20.51 -0.61 -20.15
C LEU C 106 20.83 -1.98 -20.72
N GLY C 108 23.33 -3.75 -20.04
CA GLY C 108 23.74 -4.57 -18.91
C GLY C 108 22.56 -5.15 -18.16
N ALA C 109 21.43 -4.44 -18.15
CA ALA C 109 20.21 -4.91 -17.52
C ALA C 109 19.32 -5.69 -18.47
N ALA C 110 19.82 -6.02 -19.67
CA ALA C 110 19.04 -6.83 -20.59
C ALA C 110 18.68 -8.21 -20.05
N PRO C 111 19.57 -8.94 -19.35
CA PRO C 111 19.12 -10.19 -18.71
C PRO C 111 18.04 -9.97 -17.67
N LEU C 112 18.05 -8.83 -16.98
CA LEU C 112 17.01 -8.55 -15.99
C LEU C 112 15.68 -8.23 -16.66
N PHE C 113 15.71 -7.72 -17.90
CA PHE C 113 14.47 -7.45 -18.62
C PHE C 113 13.80 -8.72 -19.09
N ARG C 114 14.59 -9.70 -19.54
CA ARG C 114 14.03 -10.98 -19.98
C ARG C 114 13.30 -11.69 -18.84
N ILE C 115 13.76 -11.51 -17.60
CA ILE C 115 13.08 -12.10 -16.46
C ILE C 115 11.73 -11.43 -16.25
N GLN C 117 9.91 -10.18 -18.55
CA GLN C 117 9.06 -10.62 -19.65
C GLN C 117 8.48 -12.00 -19.36
N GLN C 130 9.73 0.12 -9.67
CA GLN C 130 9.69 1.49 -9.15
C GLN C 130 11.05 2.18 -9.31
N THR C 131 12.12 1.42 -9.07
CA THR C 131 13.46 1.98 -9.20
C THR C 131 13.76 2.36 -10.64
N LEU C 132 13.27 1.57 -11.60
CA LEU C 132 13.52 1.87 -13.01
C LEU C 132 12.84 3.15 -13.44
N ASN C 133 11.62 3.40 -12.95
CA ASN C 133 10.91 4.62 -13.32
C ASN C 133 11.52 5.85 -12.66
N ASP C 134 12.18 5.67 -11.52
CA ASP C 134 12.87 6.80 -10.89
C ASP C 134 14.14 7.17 -11.66
N ARG C 135 14.80 6.19 -12.26
CA ARG C 135 16.00 6.48 -13.05
C ARG C 135 15.63 7.20 -14.35
N ILE C 136 14.63 6.71 -15.06
CA ILE C 136 14.20 7.34 -16.30
C ILE C 136 13.59 8.72 -16.03
N ALA C 137 13.09 8.96 -14.82
CA ALA C 137 12.57 10.28 -14.48
C ALA C 137 13.70 11.27 -14.23
N ALA C 138 14.77 10.83 -13.57
CA ALA C 138 15.89 11.74 -13.31
C ALA C 138 16.63 12.07 -14.60
N ILE C 139 16.83 11.08 -15.47
CA ILE C 139 17.55 11.32 -16.72
C ILE C 139 16.79 12.29 -17.60
N GLY C 140 15.46 12.17 -17.64
CA GLY C 140 14.65 13.11 -18.39
C GLY C 140 14.74 14.53 -17.88
N GLU C 141 15.06 14.70 -16.60
CA GLU C 141 15.19 16.04 -16.05
C GLU C 141 16.43 16.75 -16.57
N LEU C 142 17.51 16.02 -16.82
CA LEU C 142 18.72 16.62 -17.38
C LEU C 142 18.60 16.91 -18.87
N TYR C 144 15.61 17.76 -20.31
CA TYR C 144 14.52 18.71 -20.50
C TYR C 144 15.05 20.11 -20.78
N GLN C 145 14.58 20.71 -21.86
CA GLN C 145 14.89 22.09 -22.19
C GLN C 145 13.74 22.98 -21.72
N ASP C 146 14.07 24.08 -21.04
CA ASP C 146 13.07 24.89 -20.37
C ASP C 146 12.15 25.57 -21.37
N GLY C 147 12.67 26.49 -22.16
CA GLY C 147 11.84 27.26 -23.08
C GLY C 147 11.66 26.63 -24.43
N ALA C 148 11.81 25.31 -24.52
CA ALA C 148 11.65 24.61 -25.78
C ALA C 148 10.18 24.48 -26.14
N SER C 149 9.90 24.46 -27.45
CA SER C 149 8.54 24.30 -27.93
C SER C 149 8.06 22.87 -27.68
N VAL C 150 6.77 22.66 -27.93
CA VAL C 150 6.20 21.32 -27.77
C VAL C 150 6.79 20.36 -28.79
N ARG C 151 7.22 20.87 -29.95
CA ARG C 151 7.84 20.01 -30.94
C ARG C 151 9.19 19.49 -30.46
N SER C 152 10.03 20.38 -29.93
CA SER C 152 11.34 19.97 -29.45
C SER C 152 11.24 19.06 -28.23
N GLN C 153 10.35 19.40 -27.29
CA GLN C 153 10.24 18.62 -26.07
C GLN C 153 9.71 17.22 -26.34
N VAL C 154 8.79 17.07 -27.30
CA VAL C 154 8.31 15.74 -27.65
C VAL C 154 9.42 14.93 -28.30
N ARG C 155 10.21 15.56 -29.19
CA ARG C 155 11.29 14.85 -29.86
C ARG C 155 12.40 14.47 -28.87
N ILE C 156 12.64 15.30 -27.86
CA ILE C 156 13.64 14.97 -26.85
C ILE C 156 13.21 13.73 -26.06
N SER C 157 11.96 13.72 -25.59
CA SER C 157 11.45 12.56 -24.89
C SER C 157 11.30 11.36 -25.81
N ASP C 158 11.05 11.61 -27.11
CA ASP C 158 10.98 10.51 -28.07
C ASP C 158 12.33 9.80 -28.20
N ALA C 159 13.41 10.58 -28.21
CA ALA C 159 14.75 9.99 -28.29
C ALA C 159 15.06 9.18 -27.03
N LEU C 160 14.69 9.69 -25.86
CA LEU C 160 14.93 8.97 -24.62
C LEU C 160 14.07 7.72 -24.54
N ALA C 161 12.79 7.82 -24.93
CA ALA C 161 11.89 6.67 -24.84
C ALA C 161 12.26 5.61 -25.86
N SER C 162 12.81 6.00 -27.02
CA SER C 162 13.22 5.03 -28.02
C SER C 162 14.32 4.12 -27.47
N VAL C 163 15.32 4.71 -26.80
CA VAL C 163 16.39 3.92 -26.22
C VAL C 163 15.88 3.14 -25.01
N HIS C 164 15.03 3.76 -24.19
CA HIS C 164 14.54 3.12 -22.98
C HIS C 164 13.76 1.85 -23.31
N PHE C 165 12.70 1.96 -24.12
CA PHE C 165 11.94 0.80 -24.51
C PHE C 165 12.68 -0.08 -25.52
N GLY C 166 13.77 0.41 -26.10
CA GLY C 166 14.48 -0.35 -27.11
C GLY C 166 15.05 -1.65 -26.59
N ALA C 167 15.51 -1.66 -25.34
CA ALA C 167 16.01 -2.89 -24.73
C ALA C 167 14.92 -3.94 -24.54
N PHE C 168 13.68 -3.65 -24.91
CA PHE C 168 12.58 -4.58 -24.74
C PHE C 168 12.08 -5.19 -26.04
N PHE C 169 11.94 -4.39 -27.10
CA PHE C 169 11.50 -4.90 -28.39
C PHE C 169 12.66 -5.26 -29.31
N LEU C 170 13.91 -5.07 -28.87
CA LEU C 170 15.04 -5.52 -29.68
C LEU C 170 15.15 -7.04 -29.64
N SER C 171 14.70 -7.68 -28.57
CA SER C 171 14.66 -9.14 -28.52
C SER C 171 13.67 -9.72 -29.52
N ALA C 172 12.68 -8.93 -29.96
CA ALA C 172 11.73 -9.40 -30.96
C ALA C 172 12.40 -9.55 -32.31
N ILE C 173 13.28 -8.63 -32.67
CA ILE C 173 14.00 -8.69 -33.94
C ILE C 173 15.13 -9.70 -33.82
N GLU C 174 15.32 -10.49 -34.87
CA GLU C 174 16.36 -11.51 -34.90
C GLU C 174 17.67 -10.87 -35.39
N GLY C 175 18.72 -11.01 -34.59
CA GLY C 175 20.00 -10.45 -34.93
C GLY C 175 20.89 -10.35 -33.71
N ASP C 176 22.08 -9.81 -33.95
CA ASP C 176 23.05 -9.61 -32.87
C ASP C 176 22.51 -8.57 -31.89
N PRO C 177 22.39 -8.91 -30.60
CA PRO C 177 21.87 -7.92 -29.63
C PRO C 177 22.66 -6.63 -29.60
N GLU C 178 23.97 -6.68 -29.84
CA GLU C 178 24.76 -5.45 -29.90
C GLU C 178 24.51 -4.71 -31.21
N GLU C 179 24.40 -5.43 -32.33
CA GLU C 179 24.11 -4.80 -33.61
C GLU C 179 22.78 -4.05 -33.56
N LYS C 180 21.77 -4.63 -32.93
CA LYS C 180 20.48 -3.96 -32.82
C LYS C 180 20.53 -2.79 -31.85
N ARG C 181 21.40 -2.85 -30.85
CA ARG C 181 21.52 -1.73 -29.92
C ARG C 181 22.18 -0.52 -30.59
N LYS C 182 23.18 -0.78 -31.44
CA LYS C 182 23.82 0.32 -32.17
C LYS C 182 22.85 0.97 -33.15
N ALA C 183 22.06 0.15 -33.86
CA ALA C 183 21.15 0.70 -34.86
C ALA C 183 20.07 1.55 -34.22
N LEU C 184 19.56 1.14 -33.07
CA LEU C 184 18.56 1.94 -32.38
C LEU C 184 19.15 3.24 -31.84
N LEU C 185 20.36 3.17 -31.27
CA LEU C 185 21.02 4.36 -30.78
C LEU C 185 21.21 5.38 -31.90
N GLU C 186 21.57 4.91 -33.10
CA GLU C 186 21.68 5.81 -34.24
C GLU C 186 20.33 6.41 -34.58
N SER C 187 19.26 5.63 -34.50
CA SER C 187 17.93 6.14 -34.83
C SER C 187 17.48 7.18 -33.82
N ALA C 188 17.67 6.90 -32.52
CA ALA C 188 17.29 7.86 -31.50
C ALA C 188 18.21 9.07 -31.50
N LEU C 189 19.47 8.90 -31.90
CA LEU C 189 20.38 10.04 -32.00
C LEU C 189 19.94 11.01 -33.08
N GLU C 190 19.42 10.49 -34.19
CA GLU C 190 18.90 11.36 -35.24
C GLU C 190 17.65 12.10 -34.79
N THR C 191 16.82 11.45 -33.97
CA THR C 191 15.62 12.10 -33.45
C THR C 191 16.00 13.19 -32.46
N LEU C 192 17.02 12.95 -31.63
CA LEU C 192 17.48 13.97 -30.69
C LEU C 192 18.06 15.18 -31.42
N ASP C 193 18.78 14.95 -32.52
CA ASP C 193 19.33 16.05 -33.29
C ASP C 193 18.23 16.88 -33.96
N SER C 194 17.08 16.26 -34.26
CA SER C 194 15.99 17.00 -34.89
C SER C 194 15.32 17.98 -33.94
N SER C 195 15.50 17.80 -32.62
CA SER C 195 14.91 18.73 -31.66
C SER C 195 15.53 20.12 -31.76
N ALA C 196 16.75 20.22 -32.26
CA ALA C 196 17.40 21.51 -32.42
C ALA C 196 16.99 22.14 -33.75
N GLU C 197 16.73 23.45 -33.71
CA GLU C 197 16.30 24.20 -34.89
C GLU C 197 15.06 23.58 -35.53
N ASN D 19 -25.03 4.48 -26.04
CA ASN D 19 -25.19 3.30 -25.21
C ASN D 19 -25.32 3.69 -23.73
N THR D 20 -25.84 2.76 -22.93
CA THR D 20 -26.02 2.98 -21.50
C THR D 20 -24.97 2.26 -20.66
N ARG D 21 -24.58 1.03 -21.03
CA ARG D 21 -23.50 0.36 -20.31
C ARG D 21 -22.16 1.02 -20.60
N ASP D 22 -21.99 1.58 -21.80
CA ASP D 22 -20.80 2.37 -22.09
C ASP D 22 -20.85 3.75 -21.44
N LYS D 23 -22.06 4.28 -21.23
CA LYS D 23 -22.20 5.54 -20.50
C LYS D 23 -21.80 5.40 -19.05
N ILE D 24 -21.84 4.18 -18.50
CA ILE D 24 -21.33 3.94 -17.15
C ILE D 24 -19.81 4.00 -17.15
N GLN D 25 -19.17 3.53 -18.22
CA GLN D 25 -17.71 3.48 -18.26
C GLN D 25 -17.11 4.88 -18.38
N SER D 26 -17.79 5.78 -19.12
CA SER D 26 -17.24 7.11 -19.33
C SER D 26 -17.22 7.92 -18.04
N VAL D 27 -18.31 7.89 -17.28
CA VAL D 27 -18.35 8.62 -16.02
C VAL D 27 -17.47 7.94 -14.98
N ALA D 28 -17.34 6.61 -15.05
CA ALA D 28 -16.46 5.91 -14.11
C ALA D 28 -15.00 6.23 -14.39
N LEU D 29 -14.62 6.33 -15.67
CA LEU D 29 -13.26 6.75 -16.00
C LEU D 29 -13.06 8.23 -15.69
N GLU D 30 -14.12 9.03 -15.82
CA GLU D 30 -14.04 10.44 -15.43
C GLU D 30 -13.69 10.59 -13.96
N LEU D 31 -14.18 9.67 -13.12
CA LEU D 31 -13.83 9.69 -11.71
C LEU D 31 -12.41 9.16 -11.48
N PHE D 32 -12.00 8.15 -12.25
CA PHE D 32 -10.64 7.65 -12.13
C PHE D 32 -9.62 8.68 -12.59
N ILE D 33 -10.00 9.58 -13.51
CA ILE D 33 -9.10 10.65 -13.92
C ILE D 33 -9.10 11.77 -12.89
N GLU D 34 -10.26 12.09 -12.32
CA GLU D 34 -10.36 13.11 -11.30
C GLU D 34 -9.60 12.70 -10.04
N ARG D 35 -10.08 11.65 -9.37
CA ARG D 35 -9.49 11.19 -8.13
C ARG D 35 -8.71 9.91 -8.34
N GLY D 36 -8.04 9.47 -7.29
CA GLY D 36 -7.21 8.28 -7.38
C GLY D 36 -8.04 7.04 -7.68
N TYR D 37 -7.48 6.19 -8.55
CA TYR D 37 -8.22 5.00 -8.98
C TYR D 37 -8.29 3.95 -7.87
N GLU D 38 -7.13 3.59 -7.29
CA GLU D 38 -7.10 2.47 -6.35
C GLU D 38 -7.84 2.79 -5.06
N LYS D 39 -7.90 4.05 -4.65
CA LYS D 39 -8.61 4.41 -3.44
C LYS D 39 -10.12 4.50 -3.65
N THR D 40 -10.55 4.74 -4.88
CA THR D 40 -11.98 4.72 -5.19
C THR D 40 -12.51 3.29 -5.18
N SER D 41 -13.73 3.14 -4.67
CA SER D 41 -14.36 1.83 -4.47
C SER D 41 -15.63 1.73 -5.32
N ARG D 43 -18.62 1.58 -4.26
CA ARG D 43 -19.70 2.40 -3.74
C ARG D 43 -19.66 3.82 -4.29
N GLU D 44 -18.50 4.28 -4.76
CA GLU D 44 -18.41 5.66 -5.22
C GLU D 44 -18.99 5.84 -6.60
N ILE D 45 -18.64 4.95 -7.53
CA ILE D 45 -19.17 5.06 -8.89
C ILE D 45 -20.67 4.76 -8.91
N ALA D 46 -21.16 3.94 -7.98
CA ALA D 46 -22.59 3.72 -7.90
C ALA D 46 -23.31 4.93 -7.31
N GLU D 47 -22.64 5.64 -6.40
CA GLU D 47 -23.25 6.80 -5.78
C GLU D 47 -23.16 8.02 -6.68
N GLY D 48 -22.04 8.18 -7.38
CA GLY D 48 -21.87 9.31 -8.28
C GLY D 48 -22.44 9.08 -9.66
N LEU D 49 -23.59 9.70 -9.94
CA LEU D 49 -24.26 9.61 -11.24
C LEU D 49 -24.59 8.15 -11.56
N GLY D 50 -25.02 7.41 -10.56
CA GLY D 50 -25.41 6.03 -10.74
C GLY D 50 -26.74 5.78 -10.07
N ILE D 51 -27.49 4.83 -10.62
CA ILE D 51 -28.83 4.58 -10.12
C ILE D 51 -28.78 3.88 -8.77
N THR D 52 -28.08 2.74 -8.71
CA THR D 52 -27.95 1.99 -7.47
C THR D 52 -26.71 1.11 -7.58
N LYS D 53 -26.33 0.52 -6.44
CA LYS D 53 -25.24 -0.46 -6.45
C LYS D 53 -25.70 -1.75 -7.11
N ALA D 54 -26.91 -2.23 -6.77
CA ALA D 54 -27.38 -3.50 -7.29
C ALA D 54 -27.55 -3.45 -8.80
N ALA D 55 -28.11 -2.36 -9.33
CA ALA D 55 -28.25 -2.24 -10.78
C ALA D 55 -26.90 -2.16 -11.46
N LEU D 56 -25.91 -1.53 -10.83
CA LEU D 56 -24.56 -1.49 -11.41
C LEU D 56 -23.89 -2.86 -11.34
N TYR D 57 -24.19 -3.62 -10.30
CA TYR D 57 -23.59 -4.94 -10.15
C TYR D 57 -23.98 -5.86 -11.30
N TYR D 58 -25.12 -5.57 -11.94
CA TYR D 58 -25.56 -6.36 -13.09
C TYR D 58 -24.59 -6.21 -14.26
N HIS D 59 -24.05 -5.01 -14.46
CA HIS D 59 -23.15 -4.78 -15.59
C HIS D 59 -21.73 -5.22 -15.29
N PHE D 60 -21.22 -4.90 -14.10
CA PHE D 60 -19.87 -5.27 -13.71
C PHE D 60 -19.87 -5.79 -12.29
N LYS D 61 -19.19 -6.91 -12.06
CA LYS D 61 -19.12 -7.51 -10.73
C LYS D 61 -17.98 -6.95 -9.91
N ALA D 62 -16.76 -6.96 -10.44
CA ALA D 62 -15.58 -6.51 -9.74
C ALA D 62 -15.13 -5.16 -10.27
N LYS D 63 -14.34 -4.45 -9.44
CA LYS D 63 -13.83 -3.14 -9.83
C LYS D 63 -12.92 -3.25 -11.05
N GLU D 64 -12.21 -4.37 -11.21
CA GLU D 64 -11.32 -4.55 -12.34
C GLU D 64 -12.08 -4.93 -13.62
N GLU D 65 -13.34 -5.36 -13.51
CA GLU D 65 -14.10 -5.71 -14.70
C GLU D 65 -14.44 -4.46 -15.52
N ILE D 66 -14.72 -3.34 -14.85
CA ILE D 66 -15.05 -2.12 -15.58
C ILE D 66 -13.80 -1.54 -16.23
N LEU D 67 -12.63 -1.77 -15.64
CA LEU D 67 -11.40 -1.24 -16.22
C LEU D 67 -11.02 -1.99 -17.49
N VAL D 68 -11.06 -3.33 -17.45
CA VAL D 68 -10.74 -4.11 -18.64
C VAL D 68 -11.79 -3.92 -19.72
N ALA D 69 -13.03 -3.62 -19.33
CA ALA D 69 -14.08 -3.36 -20.32
C ALA D 69 -13.77 -2.12 -21.15
N ILE D 70 -13.09 -1.13 -20.55
CA ILE D 70 -12.65 0.04 -21.31
C ILE D 70 -11.58 -0.36 -22.30
N SER D 71 -10.68 -1.28 -21.91
CA SER D 71 -9.64 -1.75 -22.82
C SER D 71 -10.24 -2.54 -23.97
N GLN D 72 -11.27 -3.35 -23.69
CA GLN D 72 -11.94 -4.09 -24.76
C GLN D 72 -12.62 -3.14 -25.75
N GLY D 73 -13.17 -2.04 -25.26
CA GLY D 73 -13.84 -1.09 -26.13
C GLY D 73 -12.89 -0.32 -27.01
N LEU D 74 -11.69 -0.01 -26.51
CA LEU D 74 -10.70 0.70 -27.32
C LEU D 74 -10.00 -0.19 -28.32
N GLY D 75 -10.10 -1.51 -28.18
CA GLY D 75 -9.53 -2.42 -29.16
C GLY D 75 -10.31 -2.52 -30.44
N GLY D 76 -11.52 -1.96 -30.49
CA GLY D 76 -12.32 -1.95 -31.69
C GLY D 76 -11.64 -1.25 -32.86
N PRO D 77 -11.27 0.03 -32.68
CA PRO D 77 -10.55 0.73 -33.76
C PRO D 77 -9.26 0.05 -34.17
N VAL D 78 -8.63 -0.72 -33.27
CA VAL D 78 -7.42 -1.45 -33.64
C VAL D 78 -7.77 -2.67 -34.49
N ASP D 79 -8.82 -3.40 -34.12
CA ASP D 79 -9.25 -4.54 -34.93
C ASP D 79 -9.75 -4.08 -36.29
N GLU D 80 -10.34 -2.88 -36.37
CA GLU D 80 -10.73 -2.34 -37.66
C GLU D 80 -9.53 -1.93 -38.49
N LEU D 81 -8.42 -1.60 -37.83
CA LEU D 81 -7.21 -1.18 -38.54
C LEU D 81 -6.47 -2.37 -39.15
N VAL D 82 -6.33 -3.46 -38.38
CA VAL D 82 -5.62 -4.63 -38.91
C VAL D 82 -6.40 -5.26 -40.05
N ALA D 83 -7.74 -5.25 -39.98
CA ALA D 83 -8.53 -5.79 -41.07
C ALA D 83 -8.39 -4.96 -42.33
N TRP D 84 -8.25 -3.64 -42.19
CA TRP D 84 -8.05 -2.79 -43.35
C TRP D 84 -6.65 -2.98 -43.95
N ALA D 85 -5.65 -3.18 -43.09
CA ALA D 85 -4.28 -3.33 -43.56
C ALA D 85 -4.06 -4.65 -44.30
N ARG D 86 -4.86 -5.68 -44.01
CA ARG D 86 -4.72 -6.94 -44.72
C ARG D 86 -5.15 -6.86 -46.17
N THR D 87 -5.73 -5.73 -46.60
CA THR D 87 -6.15 -5.56 -47.98
C THR D 87 -5.28 -4.57 -48.74
N GLN D 88 -4.31 -3.90 -48.06
CA GLN D 88 -3.38 -2.88 -48.49
C GLN D 88 -2.05 -3.51 -48.93
N PRO D 89 -1.33 -2.88 -49.86
CA PRO D 89 -0.04 -3.42 -50.28
C PRO D 89 1.01 -3.29 -49.18
N ARG D 90 2.17 -3.89 -49.45
CA ARG D 90 3.29 -3.83 -48.50
C ARG D 90 4.33 -2.84 -49.01
N THR D 91 3.98 -1.56 -48.90
CA THR D 91 4.83 -0.46 -49.32
C THR D 91 5.07 0.47 -48.14
N LEU D 92 5.90 1.50 -48.36
CA LEU D 92 6.20 2.46 -47.31
C LEU D 92 4.97 3.31 -46.99
N GLU D 93 4.20 3.68 -48.01
CA GLU D 93 3.02 4.51 -47.77
C GLU D 93 1.98 3.79 -46.94
N THR D 94 1.87 2.47 -47.10
CA THR D 94 0.98 1.71 -46.23
C THR D 94 1.44 1.75 -44.78
N LYS D 95 2.75 1.64 -44.56
CA LYS D 95 3.29 1.70 -43.20
C LYS D 95 3.04 3.06 -42.57
N ARG D 96 3.07 4.14 -43.37
CA ARG D 96 2.77 5.47 -42.84
C ARG D 96 1.32 5.56 -42.39
N GLU D 97 0.39 5.06 -43.22
CA GLU D 97 -1.02 5.09 -42.85
C GLU D 97 -1.29 4.24 -41.62
N VAL D 98 -0.72 3.04 -41.56
CA VAL D 98 -0.91 2.18 -40.40
C VAL D 98 -0.39 2.87 -39.14
N LEU D 99 0.74 3.56 -39.23
CA LEU D 99 1.24 4.32 -38.10
C LEU D 99 0.36 5.53 -37.82
N ARG D 100 -0.17 6.16 -38.87
CA ARG D 100 -1.03 7.32 -38.69
C ARG D 100 -2.37 6.93 -38.09
N ARG D 101 -2.97 5.84 -38.58
CA ARG D 101 -4.27 5.41 -38.07
C ARG D 101 -4.15 4.81 -36.67
N TYR D 102 -3.05 4.11 -36.39
CA TYR D 102 -2.86 3.57 -35.04
C TYR D 102 -2.65 4.68 -34.03
N SER D 103 -2.04 5.81 -34.44
CA SER D 103 -1.93 6.96 -33.56
C SER D 103 -3.30 7.51 -33.20
N GLU D 104 -4.26 7.46 -34.12
CA GLU D 104 -5.61 7.90 -33.84
C GLU D 104 -6.38 6.88 -33.01
N ALA D 105 -6.05 5.59 -33.16
CA ALA D 105 -6.73 4.57 -32.36
C ALA D 105 -6.30 4.62 -30.90
N LEU D 106 -5.09 5.11 -30.64
CA LEU D 106 -4.60 5.21 -29.26
C LEU D 106 -5.01 6.50 -28.58
N GLY D 108 -7.91 7.91 -28.26
CA GLY D 108 -9.06 7.65 -27.41
C GLY D 108 -8.78 6.78 -26.20
N ALA D 109 -7.58 6.19 -26.12
CA ALA D 109 -7.20 5.33 -25.01
C ALA D 109 -6.26 6.02 -24.04
N ALA D 110 -5.87 7.26 -24.30
CA ALA D 110 -4.91 7.96 -23.45
C ALA D 110 -5.27 7.96 -21.97
N PRO D 111 -6.53 8.18 -21.54
CA PRO D 111 -6.81 8.08 -20.10
C PRO D 111 -6.55 6.71 -19.51
N LEU D 112 -6.76 5.64 -20.29
CA LEU D 112 -6.43 4.31 -19.80
C LEU D 112 -4.93 4.15 -19.57
N PHE D 113 -4.12 4.73 -20.45
CA PHE D 113 -2.67 4.70 -20.27
C PHE D 113 -2.25 5.47 -19.02
N ARG D 114 -3.02 6.49 -18.64
CA ARG D 114 -2.66 7.31 -17.49
C ARG D 114 -3.02 6.63 -16.17
N ILE D 115 -4.09 5.83 -16.16
CA ILE D 115 -4.46 5.10 -14.94
C ILE D 115 -3.39 4.07 -14.60
N GLN D 117 -0.32 4.44 -15.08
CA GLN D 117 0.77 5.21 -14.48
C GLN D 117 0.48 5.50 -13.01
N GLY D 127 -5.48 -7.12 -15.79
CA GLY D 127 -4.68 -7.60 -16.90
C GLY D 127 -4.71 -6.68 -18.11
N ILE D 128 -4.53 -5.38 -17.87
CA ILE D 128 -4.55 -4.42 -18.96
C ILE D 128 -3.22 -4.40 -19.71
N GLY D 129 -2.13 -4.78 -19.05
CA GLY D 129 -0.84 -4.75 -19.71
C GLY D 129 -0.68 -5.82 -20.77
N GLN D 130 -1.25 -7.01 -20.53
CA GLN D 130 -1.13 -8.09 -21.49
C GLN D 130 -1.91 -7.80 -22.77
N THR D 131 -3.01 -7.06 -22.67
CA THR D 131 -3.80 -6.75 -23.86
C THR D 131 -3.13 -5.69 -24.72
N LEU D 132 -2.40 -4.75 -24.12
CA LEU D 132 -1.75 -3.70 -24.89
C LEU D 132 -0.57 -4.24 -25.68
N ASN D 133 0.22 -5.15 -25.09
CA ASN D 133 1.35 -5.72 -25.81
C ASN D 133 0.92 -6.59 -26.97
N ASP D 134 -0.31 -7.12 -26.96
CA ASP D 134 -0.79 -7.91 -28.08
C ASP D 134 -1.24 -7.03 -29.23
N ARG D 135 -1.67 -5.79 -28.95
CA ARG D 135 -2.09 -4.90 -30.02
C ARG D 135 -0.89 -4.41 -30.83
N ILE D 136 0.16 -3.97 -30.14
CA ILE D 136 1.37 -3.55 -30.84
C ILE D 136 2.01 -4.72 -31.57
N ALA D 137 1.79 -5.94 -31.08
CA ALA D 137 2.26 -7.12 -31.80
C ALA D 137 1.48 -7.33 -33.09
N ALA D 138 0.17 -7.10 -33.04
CA ALA D 138 -0.64 -7.20 -34.26
C ALA D 138 -0.29 -6.10 -35.25
N ILE D 139 -0.04 -4.89 -34.74
CA ILE D 139 0.38 -3.80 -35.63
C ILE D 139 1.77 -4.07 -36.18
N GLY D 140 2.64 -4.72 -35.40
CA GLY D 140 3.97 -5.02 -35.87
C GLY D 140 4.00 -5.94 -37.08
N GLU D 141 3.05 -6.88 -37.15
CA GLU D 141 2.96 -7.76 -38.31
C GLU D 141 2.71 -6.98 -39.60
N LEU D 142 1.97 -5.87 -39.50
CA LEU D 142 1.74 -5.01 -40.66
C LEU D 142 2.98 -4.18 -40.99
N TYR D 144 6.08 -5.05 -40.33
CA TYR D 144 7.25 -5.90 -40.56
C TYR D 144 7.55 -6.05 -42.04
N GLN D 145 8.83 -5.89 -42.38
CA GLN D 145 9.32 -6.17 -43.72
C GLN D 145 10.16 -7.44 -43.68
N ASP D 146 9.85 -8.38 -44.57
CA ASP D 146 10.42 -9.73 -44.45
C ASP D 146 11.93 -9.71 -44.66
N GLY D 147 12.39 -9.19 -45.79
CA GLY D 147 13.79 -9.21 -46.14
C GLY D 147 14.58 -7.96 -45.80
N ALA D 148 14.04 -7.07 -44.98
CA ALA D 148 14.74 -5.83 -44.67
C ALA D 148 15.96 -6.11 -43.78
N SER D 149 16.91 -5.18 -43.84
CA SER D 149 18.13 -5.31 -43.05
C SER D 149 17.83 -5.05 -41.57
N VAL D 150 18.85 -5.29 -40.74
CA VAL D 150 18.69 -5.10 -39.30
C VAL D 150 18.52 -3.62 -38.98
N ARG D 151 19.28 -2.76 -39.64
CA ARG D 151 19.17 -1.33 -39.38
C ARG D 151 17.80 -0.78 -39.77
N SER D 152 17.22 -1.31 -40.85
CA SER D 152 15.91 -0.85 -41.29
C SER D 152 14.78 -1.43 -40.43
N GLN D 153 14.94 -2.67 -39.96
CA GLN D 153 13.91 -3.27 -39.12
C GLN D 153 13.80 -2.56 -37.78
N VAL D 154 14.95 -2.20 -37.18
CA VAL D 154 14.93 -1.51 -35.90
C VAL D 154 14.27 -0.14 -36.04
N ARG D 155 14.53 0.55 -37.15
CA ARG D 155 13.93 1.87 -37.35
C ARG D 155 12.44 1.77 -37.59
N ILE D 156 11.96 0.67 -38.15
CA ILE D 156 10.52 0.47 -38.32
C ILE D 156 9.86 0.25 -36.96
N SER D 157 10.42 -0.66 -36.15
CA SER D 157 9.89 -0.89 -34.82
C SER D 157 10.07 0.31 -33.91
N ASP D 158 11.05 1.17 -34.18
CA ASP D 158 11.22 2.39 -33.39
C ASP D 158 10.05 3.34 -33.60
N ALA D 159 9.62 3.52 -34.86
CA ALA D 159 8.48 4.39 -35.13
C ALA D 159 7.20 3.84 -34.51
N LEU D 160 7.04 2.52 -34.52
CA LEU D 160 5.86 1.91 -33.91
C LEU D 160 5.88 2.11 -32.39
N ALA D 161 7.01 1.83 -31.76
CA ALA D 161 7.10 1.99 -30.31
C ALA D 161 7.01 3.45 -29.88
N SER D 162 7.48 4.37 -30.72
CA SER D 162 7.38 5.79 -30.39
C SER D 162 5.92 6.22 -30.30
N VAL D 163 5.07 5.69 -31.19
CA VAL D 163 3.65 6.06 -31.16
C VAL D 163 2.91 5.27 -30.09
N HIS D 164 3.24 3.98 -29.93
CA HIS D 164 2.54 3.15 -28.96
C HIS D 164 2.74 3.66 -27.54
N PHE D 165 3.99 3.84 -27.13
CA PHE D 165 4.27 4.29 -25.78
C PHE D 165 4.11 5.79 -25.59
N GLY D 166 3.81 6.53 -26.65
CA GLY D 166 3.73 7.98 -26.56
C GLY D 166 2.70 8.49 -25.57
N ALA D 167 1.75 7.65 -25.17
CA ALA D 167 0.70 8.10 -24.26
C ALA D 167 1.25 8.34 -22.86
N PHE D 168 2.20 7.51 -22.42
CA PHE D 168 2.76 7.66 -21.07
C PHE D 168 4.27 7.92 -21.09
N PHE D 169 4.77 8.63 -22.11
CA PHE D 169 6.00 9.39 -21.96
C PHE D 169 5.88 10.80 -22.51
N LEU D 170 4.72 11.17 -23.05
CA LEU D 170 4.34 12.55 -23.30
C LEU D 170 3.41 13.10 -22.23
N SER D 171 3.10 12.30 -21.20
CA SER D 171 2.15 12.73 -20.17
C SER D 171 2.73 13.86 -19.33
N ALA D 172 4.01 13.76 -18.94
CA ALA D 172 4.62 14.82 -18.16
C ALA D 172 4.82 16.09 -18.98
N ILE D 173 4.90 15.98 -20.31
CA ILE D 173 4.92 17.17 -21.16
C ILE D 173 3.56 17.84 -21.08
N GLU D 174 3.57 19.15 -20.83
CA GLU D 174 2.34 19.92 -20.69
C GLU D 174 2.02 20.63 -22.00
N GLY D 175 0.77 20.56 -22.40
CA GLY D 175 0.33 21.16 -23.64
C GLY D 175 -0.96 20.53 -24.11
N ASP D 176 -1.36 20.91 -25.31
CA ASP D 176 -2.56 20.35 -25.93
C ASP D 176 -2.34 18.86 -26.19
N PRO D 177 -3.18 17.97 -25.65
CA PRO D 177 -2.98 16.53 -25.91
C PRO D 177 -2.98 16.18 -27.38
N GLU D 178 -3.65 16.96 -28.23
CA GLU D 178 -3.59 16.73 -29.66
C GLU D 178 -2.29 17.26 -30.26
N GLU D 179 -1.84 18.43 -29.80
CA GLU D 179 -0.63 19.02 -30.35
C GLU D 179 0.59 18.15 -30.07
N LYS D 180 0.61 17.49 -28.91
CA LYS D 180 1.72 16.59 -28.60
C LYS D 180 1.63 15.30 -29.40
N ARG D 181 0.40 14.81 -29.64
CA ARG D 181 0.24 13.58 -30.40
C ARG D 181 0.66 13.77 -31.86
N LYS D 182 0.36 14.94 -32.43
CA LYS D 182 0.74 15.20 -33.82
C LYS D 182 2.23 15.47 -33.96
N ALA D 183 2.83 16.14 -32.98
CA ALA D 183 4.27 16.36 -33.01
C ALA D 183 5.03 15.05 -32.88
N LEU D 184 4.51 14.11 -32.07
CA LEU D 184 5.12 12.80 -31.96
C LEU D 184 4.90 11.97 -33.21
N LEU D 185 3.70 12.06 -33.79
CA LEU D 185 3.42 11.34 -35.04
C LEU D 185 4.34 11.82 -36.16
N GLU D 186 4.58 13.14 -36.23
CA GLU D 186 5.49 13.66 -37.23
C GLU D 186 6.91 13.16 -37.00
N SER D 187 7.33 13.09 -35.73
CA SER D 187 8.67 12.57 -35.44
C SER D 187 8.77 11.07 -35.73
N ALA D 188 7.67 10.33 -35.55
CA ALA D 188 7.70 8.90 -35.82
C ALA D 188 7.70 8.64 -37.33
N LEU D 189 6.97 9.44 -38.10
CA LEU D 189 6.98 9.27 -39.55
C LEU D 189 8.37 9.51 -40.12
N GLU D 190 9.10 10.48 -39.58
CA GLU D 190 10.47 10.71 -40.03
C GLU D 190 11.38 9.54 -39.67
N THR D 191 11.13 8.90 -38.52
CA THR D 191 11.89 7.70 -38.17
C THR D 191 11.51 6.54 -39.06
N LEU D 192 10.23 6.45 -39.45
CA LEU D 192 9.79 5.36 -40.31
C LEU D 192 10.35 5.51 -41.73
N ASP D 193 10.45 6.74 -42.22
CA ASP D 193 10.99 6.97 -43.56
C ASP D 193 12.48 6.69 -43.63
N SER D 194 13.20 6.78 -42.50
CA SER D 194 14.63 6.51 -42.50
C SER D 194 14.96 5.03 -42.73
N SER D 195 13.96 4.15 -42.68
CA SER D 195 14.22 2.73 -42.93
C SER D 195 14.49 2.45 -44.40
N ALA D 196 14.16 3.37 -45.30
CA ALA D 196 14.41 3.22 -46.73
C ALA D 196 15.65 4.02 -47.11
N GLU D 197 16.59 3.36 -47.77
CA GLU D 197 17.81 4.02 -48.22
C GLU D 197 17.75 4.36 -49.71
#